data_7LZ0
#
_entry.id   7LZ0
#
_cell.length_a   74.337
_cell.length_b   74.337
_cell.length_c   513.560
_cell.angle_alpha   90.000
_cell.angle_beta   90.000
_cell.angle_gamma   120.000
#
_symmetry.space_group_name_H-M   'P 65 2 2'
#
loop_
_entity.id
_entity.type
_entity.pdbx_description
1 polymer 'Glutamate receptor 3.4'
2 non-polymer 'GLUTAMIC ACID'
3 non-polymer 'CHLORIDE ION'
4 non-polymer 'SULFATE ION'
5 non-polymer GLYCEROL
6 water water
#
_entity_poly.entity_id   1
_entity_poly.type   'polypeptide(L)'
_entity_poly.pdbx_seq_one_letter_code
;MHHHHHHHHSSGLVPRGSAMGSKPLRIGVPNRVSYTDYVSKDKNPPGVRGYCIDVFEAAIELLPYPVPRTYILYGDGKRN
PSYDNLVNEVVADNFDVAVGDITIVTNRTRYVDFTQPFIESGLVVVAPVKEAGTIEGIDSLVTSNEPIGVQDGTFARNYL
INELNILPSRIVPLKDEEQYLSALQRGPNAGGVAAIVDELPYIEVLLTNSNCKFRTVGQEFTRTGWGFAFQRDSPLAVDM
STAILQLSEEGELEKIHRKWLNYKHECS
;
_entity_poly.pdbx_strand_id   A,B,C
#
loop_
_chem_comp.id
_chem_comp.type
_chem_comp.name
_chem_comp.formula
CL non-polymer 'CHLORIDE ION' 'Cl -1'
GOL non-polymer GLYCEROL 'C3 H8 O3'
SO4 non-polymer 'SULFATE ION' 'O4 S -2'
#
# COMPACT_ATOMS: atom_id res chain seq x y z
N GLY A 17 15.53 34.37 18.25
CA GLY A 17 16.26 33.85 19.44
C GLY A 17 15.83 34.56 20.71
N SER A 18 16.28 35.81 20.90
CA SER A 18 15.84 36.74 21.97
C SER A 18 14.36 37.11 21.78
N ALA A 19 13.94 37.39 20.53
CA ALA A 19 12.57 37.79 20.15
C ALA A 19 11.63 36.58 20.08
N MET A 20 12.09 35.47 19.49
CA MET A 20 11.28 34.27 19.17
C MET A 20 11.07 33.41 20.43
N GLY A 21 9.81 33.18 20.81
CA GLY A 21 9.41 32.45 22.02
C GLY A 21 9.28 30.95 21.77
N SER A 22 8.93 30.18 22.80
CA SER A 22 8.76 28.71 22.71
C SER A 22 7.54 28.41 21.83
N LYS A 23 7.88 26.56 20.69
CA LYS A 23 6.50 26.22 20.24
C LYS A 23 5.71 25.66 21.42
N PRO A 24 4.38 25.88 21.50
CA PRO A 24 3.50 25.07 22.36
C PRO A 24 3.50 23.57 21.98
N LEU A 25 3.21 22.70 22.94
CA LEU A 25 2.97 21.23 22.74
C LEU A 25 1.72 21.04 21.86
N ARG A 26 1.85 20.29 20.77
CA ARG A 26 0.73 19.90 19.86
C ARG A 26 0.12 18.60 20.40
N ILE A 27 -1.06 18.71 21.04
CA ILE A 27 -1.73 17.55 21.70
C ILE A 27 -2.88 17.07 20.82
N GLY A 28 -2.74 15.88 20.23
CA GLY A 28 -3.82 15.19 19.50
C GLY A 28 -4.81 14.57 20.48
N VAL A 29 -6.11 14.80 20.28
CA VAL A 29 -7.21 14.33 21.16
C VAL A 29 -8.26 13.66 20.28
N PRO A 30 -8.65 12.39 20.56
CA PRO A 30 -9.63 11.70 19.72
C PRO A 30 -11.00 12.39 19.81
N ASN A 31 -11.60 12.65 18.65
CA ASN A 31 -12.91 13.32 18.51
C ASN A 31 -14.01 12.26 18.70
N ARG A 32 -14.24 11.85 19.95
CA ARG A 32 -15.16 10.74 20.29
C ARG A 32 -16.62 11.16 19.97
N VAL A 33 -17.39 10.24 19.39
CA VAL A 33 -18.85 10.42 19.12
C VAL A 33 -19.66 9.55 20.08
N SER A 34 -19.01 8.67 20.85
CA SER A 34 -19.65 7.83 21.90
C SER A 34 -18.82 7.91 23.19
N TYR A 35 -19.45 7.66 24.34
CA TYR A 35 -18.78 7.63 25.66
C TYR A 35 -17.96 8.92 25.83
N THR A 36 -18.61 10.06 25.62
CA THR A 36 -17.96 11.39 25.47
C THR A 36 -17.50 11.93 26.83
N ASP A 37 -17.93 11.33 27.95
CA ASP A 37 -17.47 11.72 29.31
C ASP A 37 -15.99 11.36 29.52
N TYR A 38 -15.45 10.41 28.76
CA TYR A 38 -14.02 10.00 28.86
C TYR A 38 -13.16 11.08 28.20
N VAL A 39 -13.55 11.52 26.99
CA VAL A 39 -12.89 12.64 26.27
C VAL A 39 -13.75 12.98 25.05
N SER A 40 -13.93 14.28 24.78
CA SER A 40 -14.70 14.79 23.62
C SER A 40 -14.39 16.26 23.35
N LYS A 41 -14.88 16.77 22.22
CA LYS A 41 -14.79 18.19 21.85
C LYS A 41 -15.61 19.01 22.86
N ASP A 42 -15.21 20.27 23.02
CA ASP A 42 -15.90 21.30 23.86
C ASP A 42 -16.07 22.54 22.97
N LYS A 43 -17.23 23.18 23.02
CA LYS A 43 -17.54 24.43 22.28
C LYS A 43 -16.68 25.57 22.87
N ASN A 44 -16.33 25.49 24.16
CA ASN A 44 -15.53 26.50 24.90
C ASN A 44 -14.07 26.05 24.96
N PRO A 45 -13.10 26.97 25.17
CA PRO A 45 -11.70 26.57 25.39
C PRO A 45 -11.57 25.67 26.61
N PRO A 46 -10.58 24.75 26.65
CA PRO A 46 -9.55 24.64 25.62
C PRO A 46 -9.92 23.82 24.37
N GLY A 47 -11.21 23.59 24.13
CA GLY A 47 -11.72 22.91 22.92
C GLY A 47 -11.93 21.42 23.13
N VAL A 48 -11.56 20.91 24.31
CA VAL A 48 -11.72 19.47 24.69
C VAL A 48 -12.12 19.40 26.18
N ARG A 49 -12.84 18.34 26.56
CA ARG A 49 -13.35 18.10 27.93
C ARG A 49 -13.30 16.61 28.22
N GLY A 50 -13.38 16.22 29.49
CA GLY A 50 -13.61 14.82 29.90
C GLY A 50 -12.61 14.35 30.93
N TYR A 51 -12.84 13.14 31.46
CA TYR A 51 -11.99 12.46 32.46
C TYR A 51 -10.51 12.55 32.07
N CYS A 52 -10.17 12.09 30.86
CA CYS A 52 -8.78 11.97 30.37
C CYS A 52 -8.12 13.35 30.29
N ILE A 53 -8.89 14.39 29.92
CA ILE A 53 -8.39 15.80 29.83
C ILE A 53 -8.08 16.31 31.25
N ASP A 54 -8.96 16.09 32.22
CA ASP A 54 -8.78 16.55 33.63
C ASP A 54 -7.56 15.84 34.24
N VAL A 55 -7.38 14.54 33.97
CA VAL A 55 -6.20 13.79 34.47
C VAL A 55 -4.93 14.43 33.88
N PHE A 56 -4.92 14.66 32.56
CA PHE A 56 -3.75 15.25 31.86
C PHE A 56 -3.44 16.63 32.46
N GLU A 57 -4.46 17.48 32.64
CA GLU A 57 -4.31 18.87 33.17
C GLU A 57 -3.81 18.81 34.63
N ALA A 58 -4.37 17.92 35.46
CA ALA A 58 -3.97 17.76 36.88
C ALA A 58 -2.50 17.31 36.94
N ALA A 59 -2.08 16.43 36.03
CA ALA A 59 -0.69 15.92 35.94
C ALA A 59 0.25 17.06 35.49
N ILE A 60 -0.14 17.86 34.50
CA ILE A 60 0.65 19.03 34.02
C ILE A 60 0.91 19.96 35.21
N GLU A 61 -0.13 20.25 36.00
CA GLU A 61 -0.08 21.19 37.15
C GLU A 61 1.00 20.74 38.16
N LEU A 62 1.23 19.42 38.30
CA LEU A 62 2.22 18.84 39.25
C LEU A 62 3.66 19.01 38.73
N LEU A 63 3.86 19.28 37.44
CA LEU A 63 5.22 19.39 36.84
C LEU A 63 5.92 20.63 37.37
N PRO A 64 7.26 20.56 37.60
CA PRO A 64 8.00 21.71 38.11
C PRO A 64 8.42 22.74 37.04
N TYR A 65 7.71 22.78 35.92
CA TYR A 65 7.92 23.77 34.81
C TYR A 65 6.59 23.99 34.11
N PRO A 66 6.38 25.14 33.44
CA PRO A 66 5.17 25.36 32.64
C PRO A 66 5.25 24.55 31.33
N VAL A 67 4.09 24.16 30.80
CA VAL A 67 3.98 23.40 29.52
C VAL A 67 2.96 24.10 28.63
N PRO A 68 3.35 25.18 27.91
CA PRO A 68 2.48 25.78 26.89
C PRO A 68 1.97 24.67 25.96
N ARG A 69 0.67 24.66 25.68
CA ARG A 69 0.02 23.50 25.02
C ARG A 69 -1.23 23.95 24.25
N THR A 70 -1.48 23.33 23.10
CA THR A 70 -2.72 23.47 22.32
C THR A 70 -3.28 22.07 22.10
N TYR A 71 -4.61 21.92 22.20
CA TYR A 71 -5.35 20.66 21.94
C TYR A 71 -5.87 20.71 20.50
N ILE A 72 -5.64 19.64 19.74
CA ILE A 72 -6.12 19.49 18.33
C ILE A 72 -6.95 18.21 18.24
N LEU A 73 -8.21 18.34 17.80
CA LEU A 73 -9.16 17.21 17.62
C LEU A 73 -8.72 16.37 16.42
N TYR A 74 -8.70 15.04 16.60
CA TYR A 74 -8.36 14.04 15.56
C TYR A 74 -9.60 13.16 15.31
N GLY A 75 -10.11 13.19 14.08
CA GLY A 75 -11.31 12.43 13.67
C GLY A 75 -12.33 13.33 12.97
N ASP A 76 -13.15 12.73 12.11
CA ASP A 76 -14.12 13.42 11.20
C ASP A 76 -15.37 13.91 11.98
N GLY A 77 -15.55 13.48 13.22
CA GLY A 77 -16.71 13.85 14.06
C GLY A 77 -17.95 13.02 13.76
N LYS A 78 -17.84 12.02 12.87
CA LYS A 78 -18.95 11.11 12.47
C LYS A 78 -18.76 9.75 13.14
N ARG A 79 -17.53 9.22 13.09
CA ARG A 79 -17.13 7.92 13.69
C ARG A 79 -15.90 8.17 14.58
N ASN A 80 -15.74 7.38 15.64
CA ASN A 80 -14.51 7.37 16.47
C ASN A 80 -13.33 7.13 15.54
N PRO A 81 -12.21 7.87 15.67
CA PRO A 81 -11.08 7.72 14.77
C PRO A 81 -10.27 6.45 15.08
N SER A 82 -9.41 6.03 14.16
CA SER A 82 -8.38 4.98 14.38
C SER A 82 -7.38 5.46 15.45
N TYR A 83 -7.37 4.81 16.62
CA TYR A 83 -6.45 5.13 17.74
C TYR A 83 -5.03 4.66 17.36
N ASP A 84 -4.91 3.59 16.56
CA ASP A 84 -3.60 3.18 15.96
C ASP A 84 -3.02 4.37 15.17
N ASN A 85 -3.84 5.04 14.36
CA ASN A 85 -3.39 6.16 13.50
C ASN A 85 -3.09 7.39 14.35
N LEU A 86 -3.93 7.68 15.36
CA LEU A 86 -3.71 8.81 16.31
C LEU A 86 -2.28 8.68 16.88
N VAL A 87 -1.93 7.48 17.36
CA VAL A 87 -0.59 7.21 17.96
C VAL A 87 0.49 7.40 16.88
N ASN A 88 0.24 6.96 15.64
CA ASN A 88 1.25 7.07 14.55
C ASN A 88 1.44 8.54 14.15
N GLU A 89 0.46 9.41 14.39
CA GLU A 89 0.59 10.87 14.18
C GLU A 89 1.65 11.43 15.15
N VAL A 90 1.73 10.87 16.35
CA VAL A 90 2.78 11.20 17.37
C VAL A 90 4.13 10.71 16.82
N VAL A 91 4.17 9.48 16.32
CA VAL A 91 5.41 8.85 15.75
C VAL A 91 5.91 9.72 14.59
N ALA A 92 5.01 10.21 13.74
CA ALA A 92 5.32 10.97 12.50
C ALA A 92 5.61 12.44 12.82
N ASP A 93 5.48 12.85 14.08
CA ASP A 93 5.82 14.21 14.58
C ASP A 93 4.78 15.22 14.07
N ASN A 94 3.55 14.80 13.84
CA ASN A 94 2.39 15.70 13.54
C ASN A 94 1.73 16.12 14.85
N PHE A 95 1.86 15.30 15.90
CA PHE A 95 1.54 15.67 17.31
C PHE A 95 2.76 15.40 18.18
N ASP A 96 2.89 16.13 19.29
CA ASP A 96 3.93 15.89 20.32
C ASP A 96 3.45 14.84 21.30
N VAL A 97 2.13 14.79 21.52
CA VAL A 97 1.48 13.84 22.47
C VAL A 97 0.07 13.53 21.94
N ALA A 98 -0.40 12.31 22.17
CA ALA A 98 -1.82 11.91 22.04
C ALA A 98 -2.39 11.76 23.44
N VAL A 99 -3.46 12.51 23.74
CA VAL A 99 -4.12 12.53 25.07
C VAL A 99 -5.57 12.07 24.92
N GLY A 100 -5.97 11.07 25.71
CA GLY A 100 -7.35 10.53 25.71
C GLY A 100 -7.36 9.11 26.21
N ASP A 101 -8.43 8.38 25.87
CA ASP A 101 -8.66 6.97 26.26
C ASP A 101 -7.82 6.05 25.36
N ILE A 102 -6.50 6.18 25.42
CA ILE A 102 -5.56 5.50 24.47
C ILE A 102 -5.02 4.23 25.14
N THR A 103 -5.52 3.07 24.69
CA THR A 103 -5.15 1.75 25.22
C THR A 103 -3.66 1.49 24.92
N ILE A 104 -2.92 1.02 25.92
CA ILE A 104 -1.50 0.62 25.79
C ILE A 104 -1.49 -0.80 25.22
N VAL A 105 -1.16 -0.96 23.93
CA VAL A 105 -1.06 -2.28 23.24
C VAL A 105 0.30 -2.36 22.52
N THR A 106 0.78 -3.59 22.35
CA THR A 106 2.16 -3.96 21.91
C THR A 106 2.58 -3.08 20.73
N ASN A 107 1.78 -3.03 19.67
CA ASN A 107 2.20 -2.39 18.39
C ASN A 107 2.35 -0.89 18.60
N ARG A 108 1.68 -0.30 19.60
CA ARG A 108 1.73 1.16 19.87
C ARG A 108 2.96 1.50 20.72
N THR A 109 3.40 0.62 21.62
CA THR A 109 4.58 0.86 22.51
C THR A 109 5.89 0.79 21.71
N ARG A 110 5.86 0.22 20.50
CA ARG A 110 7.06 0.01 19.65
C ARG A 110 7.73 1.35 19.34
N TYR A 111 6.96 2.42 19.11
CA TYR A 111 7.47 3.70 18.52
C TYR A 111 7.24 4.91 19.42
N VAL A 112 6.38 4.81 20.45
CA VAL A 112 6.08 5.97 21.35
C VAL A 112 6.45 5.58 22.79
N ASP A 113 6.56 6.59 23.66
CA ASP A 113 6.70 6.42 25.12
C ASP A 113 5.35 6.74 25.77
N PHE A 114 4.58 5.69 26.10
CA PHE A 114 3.38 5.80 26.94
C PHE A 114 3.82 6.11 28.37
N THR A 115 2.99 6.88 29.07
CA THR A 115 3.10 7.05 30.53
C THR A 115 2.73 5.72 31.18
N GLN A 116 3.00 5.58 32.47
CA GLN A 116 2.31 4.56 33.32
C GLN A 116 0.82 4.76 33.11
N PRO A 117 -0.02 3.70 33.18
CA PRO A 117 -1.46 3.85 32.96
C PRO A 117 -2.10 4.73 34.05
N PHE A 118 -3.11 5.54 33.70
CA PHE A 118 -3.85 6.40 34.65
C PHE A 118 -5.18 5.76 35.02
N ILE A 119 -5.56 4.68 34.32
CA ILE A 119 -6.76 3.84 34.62
C ILE A 119 -6.52 2.43 34.05
N GLU A 120 -7.00 1.41 34.75
CA GLU A 120 -6.91 -0.01 34.31
C GLU A 120 -8.03 -0.27 33.29
N SER A 121 -7.74 -1.12 32.32
CA SER A 121 -8.67 -1.49 31.23
C SER A 121 -8.46 -2.94 30.83
N GLY A 122 -9.38 -3.45 30.01
CA GLY A 122 -9.36 -4.83 29.50
C GLY A 122 -10.64 -5.12 28.78
N LEU A 123 -10.66 -6.17 27.97
CA LEU A 123 -11.81 -6.49 27.09
C LEU A 123 -12.79 -7.38 27.86
N VAL A 124 -14.08 -7.13 27.64
CA VAL A 124 -15.20 -7.95 28.19
C VAL A 124 -16.15 -8.27 27.05
N VAL A 125 -16.95 -9.32 27.22
CA VAL A 125 -18.05 -9.70 26.30
C VAL A 125 -19.35 -9.22 26.93
N VAL A 126 -20.14 -8.45 26.17
CA VAL A 126 -21.50 -8.00 26.57
C VAL A 126 -22.50 -8.74 25.69
N ALA A 127 -23.54 -9.29 26.31
CA ALA A 127 -24.62 -10.03 25.62
C ALA A 127 -25.94 -9.77 26.34
N PRO A 128 -27.10 -10.04 25.70
CA PRO A 128 -28.39 -10.00 26.39
C PRO A 128 -28.41 -11.05 27.52
N VAL A 129 -29.10 -10.73 28.61
CA VAL A 129 -29.37 -11.65 29.76
C VAL A 129 -29.97 -12.97 29.26
N LYS A 130 -30.91 -12.89 28.31
CA LYS A 130 -31.54 -14.04 27.59
C LYS A 130 -30.51 -14.95 26.92
N GLU A 131 -29.51 -14.38 26.26
CA GLU A 131 -28.50 -15.12 25.44
C GLU A 131 -27.36 -15.68 26.32
N ALA A 132 -27.40 -15.49 27.65
CA ALA A 132 -26.23 -15.73 28.53
C ALA A 132 -25.97 -17.24 28.66
N GLY A 133 -26.92 -18.09 28.28
CA GLY A 133 -26.78 -19.55 28.31
C GLY A 133 -25.84 -20.04 27.23
N THR A 134 -25.90 -19.46 26.02
CA THR A 134 -25.16 -19.93 24.81
C THR A 134 -23.85 -19.15 24.65
N ILE A 135 -23.92 -17.82 24.79
CA ILE A 135 -22.75 -16.89 24.84
C ILE A 135 -22.44 -16.62 26.31
N GLU A 136 -21.47 -17.33 26.89
CA GLU A 136 -21.12 -17.24 28.34
C GLU A 136 -19.71 -16.68 28.53
N GLY A 137 -19.06 -16.23 27.45
CA GLY A 137 -17.73 -15.60 27.51
C GLY A 137 -17.05 -15.61 26.16
N ILE A 138 -15.79 -15.17 26.12
CA ILE A 138 -15.03 -14.99 24.86
C ILE A 138 -14.87 -16.33 24.13
N ASP A 139 -14.61 -17.42 24.86
CA ASP A 139 -14.33 -18.77 24.26
C ASP A 139 -15.57 -19.26 23.49
N SER A 140 -16.75 -19.22 24.11
CA SER A 140 -18.04 -19.64 23.47
C SER A 140 -18.36 -18.70 22.30
N LEU A 141 -18.05 -17.41 22.43
CA LEU A 141 -18.27 -16.39 21.36
C LEU A 141 -17.41 -16.73 20.13
N VAL A 142 -16.13 -17.05 20.33
CA VAL A 142 -15.18 -17.47 19.26
C VAL A 142 -15.80 -18.61 18.44
N THR A 143 -16.21 -19.70 19.10
CA THR A 143 -16.64 -20.97 18.47
C THR A 143 -18.02 -20.80 17.81
N SER A 144 -18.84 -19.84 18.26
CA SER A 144 -20.26 -19.65 17.83
C SER A 144 -20.34 -19.28 16.34
N ASN A 145 -19.32 -18.61 15.80
CA ASN A 145 -19.24 -18.17 14.38
C ASN A 145 -20.30 -17.09 14.07
N GLU A 146 -20.83 -16.41 15.08
CA GLU A 146 -21.87 -15.35 14.91
C GLU A 146 -21.18 -13.99 14.90
N PRO A 147 -21.86 -12.93 14.39
CA PRO A 147 -21.28 -11.59 14.35
C PRO A 147 -20.93 -11.04 15.75
N ILE A 148 -19.84 -10.26 15.81
CA ILE A 148 -19.31 -9.61 17.04
C ILE A 148 -19.26 -8.10 16.80
N GLY A 149 -19.88 -7.30 17.67
CA GLY A 149 -19.86 -5.83 17.61
C GLY A 149 -18.62 -5.27 18.28
N VAL A 150 -18.03 -4.22 17.69
CA VAL A 150 -16.90 -3.44 18.27
C VAL A 150 -17.13 -1.96 17.95
N GLN A 151 -16.46 -1.07 18.67
CA GLN A 151 -16.42 0.37 18.32
C GLN A 151 -15.65 0.54 17.01
N ASP A 152 -15.89 1.65 16.30
CA ASP A 152 -14.96 2.16 15.27
C ASP A 152 -13.62 2.51 15.93
N GLY A 153 -12.50 2.15 15.28
CA GLY A 153 -11.17 2.69 15.54
C GLY A 153 -10.43 2.00 16.69
N THR A 154 -10.97 0.90 17.20
CA THR A 154 -10.45 0.21 18.41
C THR A 154 -9.36 -0.78 18.00
N PHE A 155 -8.37 -0.98 18.88
CA PHE A 155 -7.34 -2.04 18.82
C PHE A 155 -8.01 -3.42 18.83
N ALA A 156 -9.23 -3.50 19.39
CA ALA A 156 -9.95 -4.77 19.68
C ALA A 156 -10.20 -5.55 18.38
N ARG A 157 -10.41 -4.87 17.25
CA ARG A 157 -10.62 -5.52 15.93
C ARG A 157 -9.43 -6.44 15.62
N ASN A 158 -8.21 -5.89 15.60
CA ASN A 158 -6.97 -6.65 15.24
C ASN A 158 -6.60 -7.63 16.36
N TYR A 159 -6.98 -7.33 17.62
CA TYR A 159 -6.76 -8.27 18.74
C TYR A 159 -7.61 -9.53 18.52
N LEU A 160 -8.90 -9.35 18.21
CA LEU A 160 -9.84 -10.47 17.97
C LEU A 160 -9.34 -11.30 16.77
N ILE A 161 -8.92 -10.67 15.68
CA ILE A 161 -8.48 -11.35 14.43
C ILE A 161 -7.19 -12.14 14.71
N ASN A 162 -6.15 -11.45 15.19
CA ASN A 162 -4.77 -11.99 15.28
C ASN A 162 -4.61 -12.90 16.50
N GLU A 163 -5.23 -12.56 17.63
CA GLU A 163 -5.00 -13.31 18.91
C GLU A 163 -6.04 -14.43 19.06
N LEU A 164 -7.31 -14.15 18.77
CA LEU A 164 -8.43 -15.08 19.06
C LEU A 164 -8.95 -15.72 17.77
N ASN A 165 -8.32 -15.41 16.63
CA ASN A 165 -8.50 -16.15 15.35
C ASN A 165 -9.96 -16.00 14.87
N ILE A 166 -10.53 -14.82 15.02
CA ILE A 166 -11.90 -14.49 14.55
C ILE A 166 -11.84 -14.13 13.07
N LEU A 167 -12.66 -14.77 12.23
CA LEU A 167 -12.83 -14.43 10.79
C LEU A 167 -13.21 -12.95 10.71
N PRO A 168 -12.41 -12.11 10.02
CA PRO A 168 -12.67 -10.67 9.95
C PRO A 168 -14.11 -10.26 9.61
N SER A 169 -14.78 -11.00 8.71
CA SER A 169 -16.16 -10.71 8.25
C SER A 169 -17.14 -10.75 9.43
N ARG A 170 -16.81 -11.46 10.51
CA ARG A 170 -17.67 -11.55 11.72
C ARG A 170 -17.66 -10.24 12.51
N ILE A 171 -16.60 -9.42 12.39
CA ILE A 171 -16.41 -8.20 13.23
C ILE A 171 -17.19 -7.04 12.59
N VAL A 172 -18.21 -6.55 13.30
CA VAL A 172 -19.15 -5.50 12.83
C VAL A 172 -18.87 -4.21 13.60
N PRO A 173 -18.29 -3.16 12.96
CA PRO A 173 -18.12 -1.87 13.62
C PRO A 173 -19.46 -1.16 13.82
N LEU A 174 -19.66 -0.59 15.01
CA LEU A 174 -20.89 0.13 15.42
C LEU A 174 -20.53 1.57 15.80
N LYS A 175 -21.37 2.53 15.43
CA LYS A 175 -21.04 3.98 15.37
C LYS A 175 -21.14 4.63 16.76
N ASP A 176 -22.17 4.31 17.54
CA ASP A 176 -22.53 5.07 18.78
C ASP A 176 -23.44 4.21 19.68
N GLU A 177 -23.88 4.77 20.81
CA GLU A 177 -24.68 4.07 21.85
C GLU A 177 -25.94 3.48 21.21
N GLU A 178 -26.61 4.23 20.34
CA GLU A 178 -27.83 3.78 19.61
C GLU A 178 -27.54 2.48 18.87
N GLN A 179 -26.42 2.41 18.15
CA GLN A 179 -26.05 1.23 17.33
C GLN A 179 -25.55 0.09 18.23
N TYR A 180 -24.90 0.38 19.37
CA TYR A 180 -24.46 -0.67 20.33
C TYR A 180 -25.72 -1.39 20.84
N LEU A 181 -26.71 -0.62 21.33
CA LEU A 181 -27.98 -1.14 21.91
C LEU A 181 -28.79 -1.85 20.82
N SER A 182 -28.97 -1.19 19.68
CA SER A 182 -29.75 -1.69 18.51
C SER A 182 -29.22 -3.06 18.07
N ALA A 183 -27.91 -3.17 17.85
CA ALA A 183 -27.24 -4.41 17.36
C ALA A 183 -27.41 -5.54 18.38
N LEU A 184 -27.26 -5.26 19.68
CA LEU A 184 -27.44 -6.26 20.77
C LEU A 184 -28.92 -6.71 20.83
N GLN A 185 -29.85 -5.76 20.66
CA GLN A 185 -31.31 -6.01 20.75
C GLN A 185 -31.76 -6.85 19.55
N ARG A 186 -31.35 -6.49 18.34
CA ARG A 186 -31.71 -7.21 17.08
C ARG A 186 -31.12 -8.62 17.10
N GLY A 187 -29.90 -8.78 17.62
CA GLY A 187 -29.23 -10.08 17.77
C GLY A 187 -28.69 -10.60 16.45
N PRO A 188 -28.02 -11.78 16.46
CA PRO A 188 -27.26 -12.24 15.31
C PRO A 188 -28.09 -12.68 14.10
N ASN A 189 -29.40 -12.88 14.24
CA ASN A 189 -30.28 -13.45 13.16
C ASN A 189 -31.20 -12.37 12.59
N ALA A 190 -31.00 -11.09 12.94
CA ALA A 190 -31.82 -9.96 12.46
C ALA A 190 -30.94 -8.73 12.22
N GLY A 191 -29.77 -8.92 11.60
CA GLY A 191 -28.84 -7.84 11.21
C GLY A 191 -28.20 -7.16 12.41
N GLY A 192 -28.08 -7.88 13.54
CA GLY A 192 -27.39 -7.40 14.76
C GLY A 192 -26.20 -8.28 15.07
N VAL A 193 -25.82 -8.37 16.34
CA VAL A 193 -24.61 -9.12 16.80
C VAL A 193 -25.00 -10.02 17.98
N ALA A 194 -24.28 -11.14 18.14
CA ALA A 194 -24.41 -12.07 19.27
C ALA A 194 -23.86 -11.42 20.54
N ALA A 195 -22.89 -10.52 20.41
CA ALA A 195 -22.23 -9.85 21.55
C ALA A 195 -21.42 -8.65 21.05
N ILE A 196 -21.10 -7.75 21.98
CA ILE A 196 -20.10 -6.66 21.79
C ILE A 196 -18.86 -7.02 22.60
N VAL A 197 -17.68 -6.91 21.97
CA VAL A 197 -16.37 -6.96 22.65
C VAL A 197 -15.86 -5.52 22.72
N ASP A 198 -15.66 -5.01 23.93
CA ASP A 198 -15.16 -3.64 24.17
C ASP A 198 -14.47 -3.59 25.53
N GLU A 199 -13.78 -2.50 25.82
CA GLU A 199 -13.07 -2.29 27.11
C GLU A 199 -14.10 -1.99 28.21
N LEU A 200 -13.83 -2.46 29.43
CA LEU A 200 -14.75 -2.37 30.60
C LEU A 200 -15.17 -0.92 30.87
N PRO A 201 -14.26 0.08 30.84
CA PRO A 201 -14.66 1.47 31.11
C PRO A 201 -15.84 1.95 30.25
N TYR A 202 -15.86 1.61 28.96
CA TYR A 202 -16.96 1.95 28.03
C TYR A 202 -18.21 1.13 28.39
N ILE A 203 -18.04 -0.16 28.66
CA ILE A 203 -19.15 -1.09 28.96
C ILE A 203 -19.82 -0.69 30.29
N GLU A 204 -19.04 -0.27 31.28
CA GLU A 204 -19.58 0.24 32.58
C GLU A 204 -20.59 1.36 32.29
N VAL A 205 -20.29 2.23 31.32
CA VAL A 205 -21.19 3.35 30.92
C VAL A 205 -22.40 2.78 30.14
N LEU A 206 -22.18 1.79 29.26
CA LEU A 206 -23.26 1.22 28.42
C LEU A 206 -24.34 0.58 29.31
N LEU A 207 -23.93 -0.19 30.32
CA LEU A 207 -24.84 -0.96 31.22
C LEU A 207 -25.58 -0.03 32.20
N THR A 208 -25.08 1.19 32.42
CA THR A 208 -25.74 2.24 33.23
C THR A 208 -26.97 2.76 32.48
N ASN A 209 -26.94 2.74 31.14
CA ASN A 209 -27.90 3.45 30.24
C ASN A 209 -28.67 2.45 29.36
N SER A 210 -28.71 1.16 29.71
CA SER A 210 -29.31 0.09 28.85
C SER A 210 -30.39 -0.72 29.59
N ASN A 211 -30.81 -0.30 30.79
CA ASN A 211 -32.05 -0.77 31.47
C ASN A 211 -31.94 -2.26 31.84
N CYS A 212 -30.72 -2.73 32.11
CA CYS A 212 -30.43 -4.07 32.72
C CYS A 212 -30.76 -5.20 31.73
N LYS A 213 -30.89 -4.90 30.44
CA LYS A 213 -31.19 -5.91 29.39
C LYS A 213 -29.92 -6.70 29.08
N PHE A 214 -28.75 -6.08 29.28
CA PHE A 214 -27.42 -6.59 28.86
C PHE A 214 -26.54 -6.76 30.10
N ARG A 215 -25.53 -7.62 30.00
CA ARG A 215 -24.56 -7.88 31.08
C ARG A 215 -23.23 -8.34 30.46
N THR A 216 -22.14 -8.20 31.21
CA THR A 216 -20.85 -8.90 30.92
C THR A 216 -21.09 -10.40 31.13
N VAL A 217 -20.47 -11.24 30.29
CA VAL A 217 -20.46 -12.72 30.46
C VAL A 217 -19.01 -13.18 30.44
N GLY A 218 -18.65 -14.02 31.43
CA GLY A 218 -17.30 -14.53 31.61
C GLY A 218 -16.39 -13.49 32.23
N GLN A 219 -15.11 -13.80 32.26
CA GLN A 219 -14.03 -12.99 32.89
C GLN A 219 -13.57 -11.91 31.90
N GLU A 220 -13.14 -10.77 32.44
CA GLU A 220 -12.29 -9.78 31.72
C GLU A 220 -11.08 -10.55 31.21
N PHE A 221 -10.84 -10.58 29.89
CA PHE A 221 -10.02 -11.63 29.24
C PHE A 221 -8.73 -11.03 28.67
N THR A 222 -8.57 -9.72 28.88
CA THR A 222 -7.34 -8.95 28.60
C THR A 222 -7.16 -8.01 29.79
N ARG A 223 -5.93 -7.60 30.10
CA ARG A 223 -5.68 -6.50 31.06
C ARG A 223 -4.60 -5.61 30.48
N THR A 224 -4.87 -4.31 30.45
CA THR A 224 -3.89 -3.24 30.15
C THR A 224 -4.41 -1.96 30.82
N GLY A 225 -4.13 -0.81 30.22
CA GLY A 225 -4.62 0.48 30.73
C GLY A 225 -4.61 1.52 29.65
N TRP A 226 -5.11 2.70 29.97
CA TRP A 226 -4.99 3.91 29.13
C TRP A 226 -3.77 4.68 29.60
N GLY A 227 -3.02 5.25 28.66
CA GLY A 227 -1.87 6.12 28.94
C GLY A 227 -1.82 7.25 27.95
N PHE A 228 -1.01 8.26 28.22
CA PHE A 228 -0.72 9.37 27.29
C PHE A 228 0.49 8.94 26.45
N ALA A 229 0.42 9.13 25.13
CA ALA A 229 1.44 8.70 24.16
C ALA A 229 2.32 9.89 23.80
N PHE A 230 3.56 9.90 24.28
CA PHE A 230 4.61 10.91 23.97
C PHE A 230 5.60 10.33 22.96
N GLN A 231 6.37 11.19 22.29
CA GLN A 231 7.43 10.75 21.34
C GLN A 231 8.54 10.03 22.13
N ARG A 232 9.22 9.10 21.46
CA ARG A 232 10.32 8.26 22.03
C ARG A 232 11.35 9.17 22.71
N ASP A 233 11.69 8.87 23.97
CA ASP A 233 12.73 9.55 24.79
C ASP A 233 12.28 10.96 25.21
N SER A 234 10.97 11.23 25.20
CA SER A 234 10.40 12.50 25.72
C SER A 234 10.67 12.56 27.23
N PRO A 235 11.40 13.58 27.73
CA PRO A 235 11.53 13.77 29.18
C PRO A 235 10.17 14.08 29.82
N LEU A 236 9.26 14.71 29.06
CA LEU A 236 7.88 15.04 29.51
C LEU A 236 7.13 13.75 29.89
N ALA A 237 7.32 12.67 29.13
CA ALA A 237 6.68 11.36 29.39
C ALA A 237 7.08 10.87 30.78
N VAL A 238 8.37 10.98 31.12
CA VAL A 238 8.93 10.50 32.43
C VAL A 238 8.27 11.29 33.56
N ASP A 239 8.26 12.62 33.48
CA ASP A 239 7.72 13.50 34.55
C ASP A 239 6.20 13.30 34.66
N MET A 240 5.51 13.05 33.55
CA MET A 240 4.04 12.87 33.54
C MET A 240 3.67 11.52 34.15
N SER A 241 4.55 10.52 34.04
CA SER A 241 4.38 9.20 34.70
C SER A 241 4.45 9.40 36.23
N THR A 242 5.45 10.16 36.70
CA THR A 242 5.64 10.51 38.13
C THR A 242 4.40 11.25 38.62
N ALA A 243 3.93 12.24 37.87
CA ALA A 243 2.73 13.05 38.19
C ALA A 243 1.50 12.15 38.31
N ILE A 244 1.29 11.25 37.35
CA ILE A 244 0.12 10.32 37.34
C ILE A 244 0.16 9.48 38.62
N LEU A 245 1.31 8.92 38.98
CA LEU A 245 1.45 8.10 40.21
C LEU A 245 1.16 8.95 41.43
N GLN A 246 1.59 10.21 41.41
CA GLN A 246 1.33 11.19 42.51
C GLN A 246 -0.19 11.39 42.64
N LEU A 247 -0.86 11.63 41.52
CA LEU A 247 -2.34 11.82 41.49
C LEU A 247 -3.00 10.58 42.11
N SER A 248 -2.51 9.38 41.78
CA SER A 248 -3.06 8.08 42.26
C SER A 248 -2.89 7.99 43.77
N GLU A 249 -1.66 8.22 44.26
CA GLU A 249 -1.29 8.05 45.69
C GLU A 249 -2.04 9.09 46.54
N GLU A 250 -2.27 10.29 46.02
CA GLU A 250 -2.97 11.38 46.75
C GLU A 250 -4.49 11.19 46.71
N GLY A 251 -5.02 10.27 45.89
CA GLY A 251 -6.45 10.00 45.76
C GLY A 251 -7.14 10.91 44.75
N GLU A 252 -6.37 11.68 43.97
CA GLU A 252 -6.90 12.66 42.99
C GLU A 252 -7.44 11.93 41.75
N LEU A 253 -6.83 10.82 41.34
CA LEU A 253 -7.29 10.01 40.18
C LEU A 253 -8.74 9.56 40.42
N GLU A 254 -9.05 9.08 41.62
CA GLU A 254 -10.40 8.60 42.02
C GLU A 254 -11.38 9.78 42.10
N LYS A 255 -10.94 10.94 42.62
CA LYS A 255 -11.78 12.17 42.69
C LYS A 255 -12.20 12.58 41.28
N ILE A 256 -11.27 12.59 40.32
CA ILE A 256 -11.55 13.00 38.91
C ILE A 256 -12.50 11.96 38.29
N HIS A 257 -12.27 10.67 38.56
CA HIS A 257 -13.14 9.56 38.10
C HIS A 257 -14.57 9.79 38.57
N ARG A 258 -14.75 10.09 39.87
CA ARG A 258 -16.08 10.28 40.50
C ARG A 258 -16.79 11.50 39.90
N LYS A 259 -16.04 12.53 39.49
CA LYS A 259 -16.60 13.76 38.86
C LYS A 259 -17.28 13.43 37.53
N TRP A 260 -16.71 12.51 36.74
CA TRP A 260 -17.09 12.26 35.32
C TRP A 260 -17.94 11.00 35.16
N LEU A 261 -17.66 9.97 35.97
CA LEU A 261 -18.31 8.64 35.86
C LEU A 261 -19.04 8.33 37.17
N ASN A 262 -20.37 8.21 37.10
CA ASN A 262 -21.20 7.43 38.07
C ASN A 262 -21.79 6.24 37.31
N TYR A 263 -21.73 5.04 37.91
CA TYR A 263 -22.14 3.77 37.28
C TYR A 263 -23.48 3.29 37.85
N LYS A 264 -24.09 4.08 38.73
CA LYS A 264 -25.39 3.77 39.38
C LYS A 264 -26.53 4.09 38.42
N HIS A 265 -27.51 3.17 38.30
CA HIS A 265 -28.66 3.25 37.36
C HIS A 265 -29.94 2.89 38.12
N GLU A 266 -31.10 3.01 37.45
CA GLU A 266 -32.46 2.98 38.05
C GLU A 266 -32.87 1.53 38.41
N CYS A 267 -32.33 0.51 37.72
CA CYS A 267 -32.52 -0.93 38.05
C CYS A 267 -31.29 -1.48 38.80
N SER A 268 -30.69 -0.68 39.69
CA SER A 268 -29.56 -1.05 40.60
C SER A 268 -29.36 0.02 41.69
N SER B 22 25.66 16.22 4.70
CA SER B 22 27.00 16.23 5.35
C SER B 22 27.08 15.14 6.42
N LYS B 23 25.51 15.34 7.94
CA LYS B 23 25.55 14.08 8.75
C LYS B 23 25.08 12.92 7.89
N PRO B 24 25.65 11.69 8.01
CA PRO B 24 25.32 10.60 7.10
C PRO B 24 23.88 10.08 7.23
N LEU B 25 23.30 9.70 6.08
CA LEU B 25 21.96 9.04 5.98
C LEU B 25 21.98 7.71 6.74
N ARG B 26 21.01 7.51 7.64
CA ARG B 26 20.77 6.22 8.33
C ARG B 26 19.85 5.37 7.45
N ILE B 27 20.43 4.36 6.78
CA ILE B 27 19.70 3.49 5.82
C ILE B 27 19.42 2.14 6.51
N GLY B 28 18.14 1.89 6.81
CA GLY B 28 17.65 0.60 7.32
C GLY B 28 17.56 -0.40 6.20
N VAL B 29 18.14 -1.59 6.41
CA VAL B 29 18.22 -2.69 5.41
C VAL B 29 17.72 -3.95 6.08
N PRO B 30 16.71 -4.64 5.51
CA PRO B 30 16.18 -5.87 6.13
C PRO B 30 17.25 -6.96 6.15
N ASN B 31 17.45 -7.56 7.33
CA ASN B 31 18.45 -8.62 7.57
C ASN B 31 17.83 -9.94 7.16
N ARG B 32 17.75 -10.17 5.84
CA ARG B 32 17.03 -11.33 5.25
C ARG B 32 17.78 -12.62 5.60
N VAL B 33 17.04 -13.67 5.94
CA VAL B 33 17.58 -15.05 6.20
C VAL B 33 17.23 -15.98 5.03
N SER B 34 16.35 -15.54 4.11
CA SER B 34 15.98 -16.28 2.88
C SER B 34 16.07 -15.34 1.69
N TYR B 35 16.29 -15.90 0.50
CA TYR B 35 16.33 -15.12 -0.77
C TYR B 35 17.32 -13.96 -0.60
N THR B 36 18.53 -14.26 -0.12
CA THR B 36 19.54 -13.27 0.34
C THR B 36 20.19 -12.55 -0.85
N ASP B 37 20.02 -13.03 -2.08
CA ASP B 37 20.57 -12.35 -3.27
C ASP B 37 19.78 -11.07 -3.56
N TYR B 38 18.56 -10.90 -3.04
CA TYR B 38 17.78 -9.65 -3.19
C TYR B 38 18.37 -8.56 -2.29
N VAL B 39 18.64 -8.91 -1.03
CA VAL B 39 19.32 -8.03 -0.04
C VAL B 39 19.67 -8.83 1.22
N SER B 40 20.87 -8.65 1.76
CA SER B 40 21.35 -9.37 2.98
C SER B 40 22.61 -8.67 3.54
N LYS B 41 23.04 -9.11 4.73
CA LYS B 41 24.28 -8.64 5.38
C LYS B 41 25.47 -9.11 4.54
N ASP B 42 26.58 -8.36 4.62
CA ASP B 42 27.89 -8.67 3.98
C ASP B 42 28.96 -8.54 5.06
N LYS B 43 29.91 -9.48 5.08
CA LYS B 43 31.07 -9.49 6.02
C LYS B 43 32.00 -8.32 5.68
N ASN B 44 32.03 -7.88 4.41
CA ASN B 44 32.84 -6.75 3.91
C ASN B 44 32.01 -5.48 3.84
N PRO B 45 32.62 -4.28 3.86
CA PRO B 45 31.89 -3.03 3.65
C PRO B 45 31.22 -3.01 2.27
N PRO B 46 30.05 -2.34 2.10
CA PRO B 46 29.47 -1.48 3.14
C PRO B 46 28.60 -2.19 4.19
N GLY B 47 28.72 -3.51 4.33
CA GLY B 47 28.02 -4.31 5.35
C GLY B 47 26.72 -4.90 4.86
N VAL B 48 26.33 -4.59 3.61
CA VAL B 48 25.10 -5.12 2.94
C VAL B 48 25.41 -5.38 1.47
N ARG B 49 24.70 -6.34 0.86
CA ARG B 49 24.90 -6.80 -0.54
C ARG B 49 23.55 -7.18 -1.13
N GLY B 50 23.48 -7.29 -2.48
CA GLY B 50 22.34 -7.86 -3.20
C GLY B 50 21.80 -6.92 -4.27
N TYR B 51 20.84 -7.43 -5.06
CA TYR B 51 20.17 -6.71 -6.17
C TYR B 51 19.76 -5.31 -5.71
N CYS B 52 18.97 -5.23 -4.64
CA CYS B 52 18.34 -3.97 -4.14
C CYS B 52 19.44 -2.97 -3.72
N ILE B 53 20.55 -3.45 -3.14
CA ILE B 53 21.70 -2.59 -2.72
C ILE B 53 22.39 -2.02 -3.97
N ASP B 54 22.65 -2.85 -4.99
CA ASP B 54 23.32 -2.41 -6.25
C ASP B 54 22.44 -1.37 -6.95
N VAL B 55 21.12 -1.57 -6.99
CA VAL B 55 20.18 -0.60 -7.61
C VAL B 55 20.29 0.72 -6.85
N PHE B 56 20.23 0.69 -5.51
CA PHE B 56 20.29 1.89 -4.66
C PHE B 56 21.60 2.63 -4.90
N GLU B 57 22.72 1.90 -4.89
CA GLU B 57 24.09 2.48 -5.08
C GLU B 57 24.23 3.06 -6.48
N ALA B 58 23.76 2.34 -7.52
CA ALA B 58 23.82 2.81 -8.92
C ALA B 58 22.99 4.09 -9.07
N ALA B 59 21.86 4.19 -8.38
CA ALA B 59 20.98 5.38 -8.39
C ALA B 59 21.67 6.56 -7.70
N ILE B 60 22.30 6.32 -6.54
CA ILE B 60 23.08 7.35 -5.79
C ILE B 60 24.15 7.93 -6.74
N GLU B 61 24.88 7.06 -7.44
CA GLU B 61 26.01 7.42 -8.33
C GLU B 61 25.54 8.40 -9.41
N LEU B 62 24.28 8.30 -9.86
CA LEU B 62 23.71 9.17 -10.93
C LEU B 62 23.37 10.56 -10.38
N LEU B 63 23.25 10.74 -9.06
CA LEU B 63 22.90 12.05 -8.46
C LEU B 63 24.07 13.01 -8.64
N PRO B 64 23.81 14.31 -8.91
CA PRO B 64 24.89 15.28 -9.09
C PRO B 64 25.48 15.83 -7.78
N TYR B 65 25.31 15.12 -6.66
CA TYR B 65 25.87 15.49 -5.34
C TYR B 65 26.20 14.21 -4.58
N PRO B 66 27.14 14.27 -3.60
CA PRO B 66 27.42 13.11 -2.75
C PRO B 66 26.29 12.93 -1.73
N VAL B 67 26.07 11.68 -1.31
CA VAL B 67 25.06 11.33 -0.27
C VAL B 67 25.76 10.47 0.78
N PRO B 68 26.48 11.07 1.74
CA PRO B 68 27.10 10.31 2.83
C PRO B 68 26.03 9.42 3.46
N ARG B 69 26.35 8.14 3.68
CA ARG B 69 25.34 7.11 4.04
C ARG B 69 26.01 5.98 4.84
N THR B 70 25.30 5.47 5.83
CA THR B 70 25.65 4.25 6.59
C THR B 70 24.47 3.30 6.49
N TYR B 71 24.75 2.01 6.28
CA TYR B 71 23.73 0.94 6.20
C TYR B 71 23.62 0.28 7.58
N ILE B 72 22.39 0.13 8.07
CA ILE B 72 22.09 -0.47 9.41
C ILE B 72 21.12 -1.64 9.18
N LEU B 73 21.52 -2.83 9.61
CA LEU B 73 20.73 -4.07 9.48
C LEU B 73 19.55 -4.02 10.46
N TYR B 74 18.35 -4.35 9.97
CA TYR B 74 17.09 -4.41 10.74
C TYR B 74 16.59 -5.86 10.74
N GLY B 75 16.51 -6.48 11.91
CA GLY B 75 16.11 -7.89 12.10
C GLY B 75 17.10 -8.66 12.94
N ASP B 76 16.63 -9.72 13.62
CA ASP B 76 17.42 -10.52 14.60
C ASP B 76 18.39 -11.48 13.89
N GLY B 77 18.28 -11.65 12.57
CA GLY B 77 19.12 -12.57 11.79
C GLY B 77 18.66 -14.02 11.88
N LYS B 78 17.54 -14.30 12.56
CA LYS B 78 16.93 -15.65 12.72
C LYS B 78 15.70 -15.77 11.81
N ARG B 79 14.84 -14.75 11.81
CA ARG B 79 13.64 -14.65 10.93
C ARG B 79 13.69 -13.32 10.17
N ASN B 80 13.12 -13.31 8.97
CA ASN B 80 12.90 -12.05 8.19
C ASN B 80 12.12 -11.09 9.08
N PRO B 81 12.51 -9.80 9.12
CA PRO B 81 11.82 -8.83 9.98
C PRO B 81 10.47 -8.41 9.40
N SER B 82 9.64 -7.78 10.24
CA SER B 82 8.39 -7.09 9.83
C SER B 82 8.75 -5.91 8.92
N TYR B 83 8.36 -5.96 7.64
CA TYR B 83 8.60 -4.88 6.65
C TYR B 83 7.69 -3.68 6.96
N ASP B 84 6.50 -3.94 7.51
CA ASP B 84 5.62 -2.87 8.06
C ASP B 84 6.41 -2.07 9.11
N ASN B 85 7.11 -2.75 10.01
CA ASN B 85 7.85 -2.09 11.12
C ASN B 85 9.10 -1.38 10.55
N LEU B 86 9.81 -2.00 9.60
CA LEU B 86 10.98 -1.38 8.93
C LEU B 86 10.56 0.00 8.40
N VAL B 87 9.44 0.07 7.70
CA VAL B 87 8.91 1.35 7.13
C VAL B 87 8.57 2.32 8.27
N ASN B 88 7.99 1.84 9.37
CA ASN B 88 7.60 2.70 10.53
C ASN B 88 8.85 3.23 11.25
N GLU B 89 9.99 2.55 11.13
CA GLU B 89 11.29 3.05 11.67
C GLU B 89 11.70 4.32 10.91
N VAL B 90 11.38 4.38 9.62
CA VAL B 90 11.57 5.59 8.77
C VAL B 90 10.64 6.69 9.28
N VAL B 91 9.37 6.35 9.51
CA VAL B 91 8.33 7.30 10.02
C VAL B 91 8.79 7.86 11.37
N ALA B 92 9.33 7.01 12.25
CA ALA B 92 9.73 7.35 13.64
C ALA B 92 11.08 8.08 13.67
N ASP B 93 11.74 8.23 12.50
CA ASP B 93 13.01 8.99 12.34
C ASP B 93 14.16 8.23 13.00
N ASN B 94 14.08 6.90 13.07
CA ASN B 94 15.21 6.03 13.49
C ASN B 94 16.04 5.67 12.27
N PHE B 95 15.42 5.66 11.09
CA PHE B 95 16.09 5.59 9.77
C PHE B 95 15.64 6.78 8.92
N ASP B 96 16.51 7.24 8.02
CA ASP B 96 16.21 8.29 7.01
C ASP B 96 15.60 7.61 5.78
N VAL B 97 16.00 6.37 5.51
CA VAL B 97 15.54 5.58 4.34
C VAL B 97 15.47 4.10 4.74
N ALA B 98 14.51 3.35 4.20
CA ALA B 98 14.51 1.88 4.20
C ALA B 98 14.84 1.41 2.77
N VAL B 99 15.90 0.62 2.62
CA VAL B 99 16.39 0.14 1.31
C VAL B 99 16.37 -1.38 1.31
N GLY B 100 15.72 -1.97 0.30
CA GLY B 100 15.62 -3.42 0.13
C GLY B 100 14.40 -3.80 -0.67
N ASP B 101 13.96 -5.05 -0.54
CA ASP B 101 12.81 -5.65 -1.25
C ASP B 101 11.51 -5.20 -0.56
N ILE B 102 11.24 -3.89 -0.56
CA ILE B 102 10.13 -3.28 0.23
C ILE B 102 8.92 -3.08 -0.68
N THR B 103 7.91 -3.92 -0.52
CA THR B 103 6.66 -3.90 -1.34
C THR B 103 5.91 -2.60 -1.05
N ILE B 104 5.46 -1.92 -2.10
CA ILE B 104 4.65 -0.67 -2.01
C ILE B 104 3.19 -1.08 -1.77
N VAL B 105 2.72 -0.86 -0.54
CA VAL B 105 1.34 -1.19 -0.07
C VAL B 105 0.72 0.09 0.51
N THR B 106 -0.60 0.24 0.40
CA THR B 106 -1.37 1.44 0.80
C THR B 106 -1.00 1.86 2.23
N ASN B 107 -0.98 0.94 3.17
CA ASN B 107 -0.75 1.24 4.62
C ASN B 107 0.66 1.83 4.82
N ARG B 108 1.61 1.50 3.94
CA ARG B 108 3.02 1.96 4.06
C ARG B 108 3.19 3.35 3.44
N THR B 109 2.42 3.70 2.42
CA THR B 109 2.51 5.02 1.73
C THR B 109 1.91 6.12 2.61
N ARG B 110 1.15 5.77 3.65
CA ARG B 110 0.45 6.75 4.54
C ARG B 110 1.42 7.78 5.11
N TYR B 111 2.62 7.36 5.54
CA TYR B 111 3.54 8.21 6.32
C TYR B 111 4.92 8.39 5.65
N VAL B 112 5.24 7.64 4.59
CA VAL B 112 6.57 7.74 3.90
C VAL B 112 6.37 8.12 2.43
N ASP B 113 7.46 8.55 1.78
CA ASP B 113 7.54 8.84 0.33
C ASP B 113 8.34 7.72 -0.34
N PHE B 114 7.67 6.74 -0.94
CA PHE B 114 8.31 5.68 -1.75
C PHE B 114 8.79 6.30 -3.08
N THR B 115 9.90 5.79 -3.61
CA THR B 115 10.33 6.02 -5.00
C THR B 115 9.33 5.35 -5.93
N GLN B 116 9.39 5.65 -7.22
CA GLN B 116 8.82 4.76 -8.27
C GLN B 116 9.39 3.36 -8.04
N PRO B 117 8.69 2.28 -8.42
CA PRO B 117 9.23 0.93 -8.27
C PRO B 117 10.48 0.71 -9.13
N PHE B 118 11.45 -0.07 -8.64
CA PHE B 118 12.67 -0.46 -9.38
C PHE B 118 12.52 -1.89 -9.92
N ILE B 119 11.49 -2.62 -9.48
CA ILE B 119 11.14 -3.97 -10.00
C ILE B 119 9.64 -4.22 -9.76
N GLU B 120 8.98 -4.89 -10.70
CA GLU B 120 7.54 -5.24 -10.60
C GLU B 120 7.40 -6.48 -9.72
N SER B 121 6.29 -6.55 -8.97
CA SER B 121 6.00 -7.66 -8.04
C SER B 121 4.48 -7.93 -8.02
N GLY B 122 4.08 -8.98 -7.33
CA GLY B 122 2.69 -9.39 -7.12
C GLY B 122 2.63 -10.77 -6.50
N LEU B 123 1.49 -11.15 -5.95
CA LEU B 123 1.36 -12.44 -5.21
C LEU B 123 1.02 -13.55 -6.20
N VAL B 124 1.59 -14.73 -5.99
CA VAL B 124 1.29 -15.97 -6.75
C VAL B 124 1.03 -17.09 -5.75
N VAL B 125 0.33 -18.13 -6.20
CA VAL B 125 0.10 -19.39 -5.43
C VAL B 125 1.07 -20.42 -5.98
N VAL B 126 1.85 -21.04 -5.10
CA VAL B 126 2.74 -22.19 -5.42
C VAL B 126 2.14 -23.43 -4.76
N ALA B 127 1.99 -24.51 -5.53
CA ALA B 127 1.39 -25.79 -5.05
C ALA B 127 2.09 -26.96 -5.75
N PRO B 128 2.02 -28.17 -5.15
CA PRO B 128 2.46 -29.39 -5.83
C PRO B 128 1.65 -29.61 -7.11
N VAL B 129 2.30 -30.06 -8.18
CA VAL B 129 1.62 -30.36 -9.47
C VAL B 129 0.75 -31.60 -9.27
N LYS B 130 1.32 -32.65 -8.67
CA LYS B 130 0.73 -34.03 -8.67
C LYS B 130 -0.26 -34.16 -7.51
N GLU B 131 0.18 -33.84 -6.29
CA GLU B 131 -0.58 -34.10 -5.03
C GLU B 131 -1.54 -32.95 -4.72
N ALA B 132 -1.79 -32.04 -5.68
CA ALA B 132 -2.74 -30.90 -5.55
C ALA B 132 -4.16 -31.43 -5.27
N GLY B 133 -4.62 -31.25 -4.04
CA GLY B 133 -6.02 -31.50 -3.63
C GLY B 133 -6.94 -30.50 -4.30
N THR B 134 -6.75 -30.31 -5.62
CA THR B 134 -7.34 -29.25 -6.48
C THR B 134 -7.02 -27.86 -5.92
N ILE B 135 -5.73 -27.60 -5.66
CA ILE B 135 -5.18 -26.21 -5.49
C ILE B 135 -4.65 -25.73 -6.85
N GLU B 136 -5.46 -24.96 -7.58
CA GLU B 136 -5.17 -24.54 -8.98
C GLU B 136 -5.10 -23.01 -9.06
N GLY B 137 -5.09 -22.32 -7.91
CA GLY B 137 -4.97 -20.86 -7.83
C GLY B 137 -5.53 -20.30 -6.54
N ILE B 138 -5.55 -18.97 -6.42
CA ILE B 138 -5.93 -18.25 -5.19
C ILE B 138 -7.40 -18.56 -4.85
N ASP B 139 -8.29 -18.61 -5.82
CA ASP B 139 -9.76 -18.79 -5.60
C ASP B 139 -10.01 -20.17 -4.97
N SER B 140 -9.44 -21.24 -5.55
CA SER B 140 -9.58 -22.63 -5.04
C SER B 140 -8.91 -22.74 -3.67
N LEU B 141 -7.79 -22.03 -3.47
CA LEU B 141 -7.04 -22.02 -2.18
C LEU B 141 -7.91 -21.42 -1.08
N VAL B 142 -8.55 -20.28 -1.34
CA VAL B 142 -9.47 -19.61 -0.37
C VAL B 142 -10.51 -20.61 0.13
N THR B 143 -11.24 -21.25 -0.80
CA THR B 143 -12.42 -22.13 -0.49
C THR B 143 -11.98 -23.44 0.17
N SER B 144 -10.74 -23.89 -0.04
CA SER B 144 -10.22 -25.22 0.40
C SER B 144 -10.18 -25.32 1.93
N ASN B 145 -9.99 -24.19 2.64
CA ASN B 145 -9.90 -24.10 4.12
C ASN B 145 -8.64 -24.81 4.65
N GLU B 146 -7.63 -25.05 3.80
CA GLU B 146 -6.37 -25.74 4.21
C GLU B 146 -5.31 -24.70 4.53
N PRO B 147 -4.26 -25.07 5.30
CA PRO B 147 -3.18 -24.15 5.64
C PRO B 147 -2.46 -23.54 4.43
N ILE B 148 -2.04 -22.28 4.57
CA ILE B 148 -1.33 -21.46 3.54
C ILE B 148 0.00 -21.01 4.14
N GLY B 149 1.11 -21.30 3.46
CA GLY B 149 2.46 -20.85 3.86
C GLY B 149 2.76 -19.45 3.37
N VAL B 150 3.42 -18.65 4.20
CA VAL B 150 3.91 -17.28 3.87
C VAL B 150 5.29 -17.09 4.52
N GLN B 151 6.06 -16.11 4.05
CA GLN B 151 7.31 -15.69 4.72
C GLN B 151 6.96 -15.03 6.06
N ASP B 152 7.92 -14.99 6.97
CA ASP B 152 7.92 -14.06 8.14
C ASP B 152 7.97 -12.63 7.61
N GLY B 153 7.16 -11.74 8.19
CA GLY B 153 7.29 -10.26 8.08
C GLY B 153 6.68 -9.68 6.83
N THR B 154 5.94 -10.47 6.04
CA THR B 154 5.38 -10.06 4.73
C THR B 154 4.04 -9.35 4.93
N PHE B 155 3.73 -8.40 4.06
CA PHE B 155 2.42 -7.73 3.91
C PHE B 155 1.35 -8.77 3.56
N ALA B 156 1.75 -9.90 2.96
CA ALA B 156 0.85 -10.93 2.38
C ALA B 156 -0.06 -11.52 3.47
N ARG B 157 0.42 -11.62 4.71
CA ARG B 157 -0.38 -12.15 5.85
C ARG B 157 -1.65 -11.31 6.00
N ASN B 158 -1.51 -9.99 6.16
CA ASN B 158 -2.64 -9.06 6.39
C ASN B 158 -3.46 -8.89 5.11
N TYR B 159 -2.86 -9.06 3.93
CA TYR B 159 -3.60 -9.04 2.64
C TYR B 159 -4.56 -10.24 2.61
N LEU B 160 -4.07 -11.44 2.92
CA LEU B 160 -4.90 -12.68 2.90
C LEU B 160 -6.06 -12.55 3.89
N ILE B 161 -5.77 -12.06 5.10
CA ILE B 161 -6.77 -11.94 6.20
C ILE B 161 -7.79 -10.85 5.84
N ASN B 162 -7.36 -9.64 5.56
CA ASN B 162 -8.24 -8.44 5.42
C ASN B 162 -8.91 -8.40 4.05
N GLU B 163 -8.21 -8.77 2.97
CA GLU B 163 -8.72 -8.64 1.58
C GLU B 163 -9.51 -9.89 1.18
N LEU B 164 -8.98 -11.08 1.48
CA LEU B 164 -9.57 -12.37 0.99
C LEU B 164 -10.32 -13.08 2.12
N ASN B 165 -10.33 -12.50 3.33
CA ASN B 165 -11.15 -12.94 4.48
C ASN B 165 -10.77 -14.37 4.88
N ILE B 166 -9.47 -14.68 4.86
CA ILE B 166 -8.91 -15.99 5.26
C ILE B 166 -8.80 -16.03 6.79
N LEU B 167 -9.29 -17.11 7.39
CA LEU B 167 -9.17 -17.41 8.84
C LEU B 167 -7.70 -17.34 9.22
N PRO B 168 -7.30 -16.44 10.16
CA PRO B 168 -5.89 -16.26 10.52
C PRO B 168 -5.13 -17.55 10.85
N SER B 169 -5.77 -18.53 11.49
CA SER B 169 -5.15 -19.80 11.92
C SER B 169 -4.65 -20.58 10.70
N ARG B 170 -5.20 -20.33 9.51
CA ARG B 170 -4.77 -20.98 8.24
C ARG B 170 -3.39 -20.48 7.80
N ILE B 171 -2.97 -19.27 8.19
CA ILE B 171 -1.71 -18.65 7.72
C ILE B 171 -0.55 -19.17 8.56
N VAL B 172 0.37 -19.91 7.94
CA VAL B 172 1.54 -20.56 8.61
C VAL B 172 2.81 -19.84 8.17
N PRO B 173 3.48 -19.07 9.07
CA PRO B 173 4.76 -18.45 8.73
C PRO B 173 5.87 -19.51 8.63
N LEU B 174 6.71 -19.40 7.60
CA LEU B 174 7.83 -20.32 7.30
C LEU B 174 9.14 -19.50 7.28
N LYS B 175 10.21 -20.07 7.83
CA LYS B 175 11.44 -19.32 8.22
C LYS B 175 12.36 -19.11 7.02
N ASP B 176 12.55 -20.12 6.17
CA ASP B 176 13.62 -20.14 5.14
C ASP B 176 13.29 -21.18 4.06
N GLU B 177 14.18 -21.36 3.08
CA GLU B 177 14.00 -22.24 1.90
C GLU B 177 13.66 -23.66 2.37
N GLU B 178 14.37 -24.16 3.39
CA GLU B 178 14.17 -25.51 3.97
C GLU B 178 12.71 -25.66 4.38
N GLN B 179 12.15 -24.67 5.09
CA GLN B 179 10.75 -24.73 5.61
C GLN B 179 9.74 -24.50 4.46
N TYR B 180 10.07 -23.69 3.45
CA TYR B 180 9.17 -23.49 2.27
C TYR B 180 8.99 -24.84 1.58
N LEU B 181 10.08 -25.52 1.28
CA LEU B 181 10.11 -26.81 0.54
C LEU B 181 9.48 -27.91 1.41
N SER B 182 9.92 -28.01 2.66
CA SER B 182 9.44 -29.00 3.67
C SER B 182 7.92 -28.94 3.79
N ALA B 183 7.37 -27.73 4.00
CA ALA B 183 5.91 -27.51 4.22
C ALA B 183 5.13 -27.91 2.96
N LEU B 184 5.62 -27.56 1.76
CA LEU B 184 4.96 -27.94 0.47
C LEU B 184 5.03 -29.47 0.27
N GLN B 185 6.15 -30.09 0.62
CA GLN B 185 6.40 -31.55 0.46
C GLN B 185 5.49 -32.33 1.41
N ARG B 186 5.43 -31.93 2.69
CA ARG B 186 4.62 -32.61 3.74
C ARG B 186 3.13 -32.46 3.41
N GLY B 187 2.74 -31.28 2.91
CA GLY B 187 1.34 -31.01 2.51
C GLY B 187 0.44 -30.76 3.72
N PRO B 188 -0.85 -30.46 3.49
CA PRO B 188 -1.73 -29.98 4.57
C PRO B 188 -2.11 -31.02 5.64
N ASN B 189 -1.86 -32.31 5.40
CA ASN B 189 -2.30 -33.44 6.28
C ASN B 189 -1.11 -34.05 7.02
N ALA B 190 0.07 -33.43 6.99
CA ALA B 190 1.30 -33.90 7.67
C ALA B 190 2.08 -32.71 8.23
N GLY B 191 1.38 -31.73 8.80
CA GLY B 191 1.99 -30.54 9.44
C GLY B 191 2.66 -29.63 8.44
N GLY B 192 2.21 -29.64 7.18
CA GLY B 192 2.69 -28.75 6.10
C GLY B 192 1.58 -27.82 5.63
N VAL B 193 1.62 -27.39 4.37
CA VAL B 193 0.66 -26.41 3.79
C VAL B 193 0.17 -26.95 2.44
N ALA B 194 -1.03 -26.57 2.03
CA ALA B 194 -1.63 -26.86 0.70
C ALA B 194 -0.91 -26.03 -0.37
N ALA B 195 -0.40 -24.85 -0.01
CA ALA B 195 0.22 -23.90 -0.94
C ALA B 195 1.02 -22.85 -0.18
N ILE B 196 1.93 -22.18 -0.87
CA ILE B 196 2.60 -20.93 -0.41
C ILE B 196 2.04 -19.77 -1.23
N VAL B 197 1.67 -18.67 -0.55
CA VAL B 197 1.37 -17.36 -1.19
C VAL B 197 2.56 -16.45 -0.89
N ASP B 198 3.23 -16.00 -1.95
CA ASP B 198 4.42 -15.11 -1.85
C ASP B 198 4.53 -14.30 -3.15
N GLU B 199 5.41 -13.30 -3.15
CA GLU B 199 5.65 -12.44 -4.33
C GLU B 199 6.48 -13.22 -5.36
N LEU B 200 6.22 -12.96 -6.64
CA LEU B 200 6.82 -13.70 -7.80
C LEU B 200 8.35 -13.67 -7.74
N PRO B 201 9.02 -12.53 -7.44
CA PRO B 201 10.48 -12.50 -7.41
C PRO B 201 11.11 -13.56 -6.49
N TYR B 202 10.51 -13.81 -5.32
CA TYR B 202 10.97 -14.84 -4.36
C TYR B 202 10.67 -16.23 -4.93
N ILE B 203 9.47 -16.42 -5.48
CA ILE B 203 9.01 -17.74 -6.01
C ILE B 203 9.87 -18.12 -7.22
N GLU B 204 10.21 -17.16 -8.08
CA GLU B 204 11.11 -17.38 -9.24
C GLU B 204 12.41 -18.03 -8.74
N VAL B 205 12.94 -17.58 -7.60
CA VAL B 205 14.19 -18.11 -6.99
C VAL B 205 13.90 -19.49 -6.38
N LEU B 206 12.75 -19.68 -5.74
CA LEU B 206 12.42 -20.95 -5.03
C LEU B 206 12.37 -22.09 -6.04
N LEU B 207 11.72 -21.88 -7.18
CA LEU B 207 11.46 -22.94 -8.19
C LEU B 207 12.73 -23.22 -9.00
N THR B 208 13.73 -22.35 -8.99
CA THR B 208 15.00 -22.48 -9.79
C THR B 208 15.76 -23.72 -9.33
N ASN B 209 16.35 -24.45 -10.29
CA ASN B 209 17.14 -25.69 -10.08
C ASN B 209 16.26 -26.85 -9.61
N SER B 210 14.92 -26.72 -9.64
CA SER B 210 13.97 -27.74 -9.11
C SER B 210 13.35 -28.55 -10.25
N ASN B 211 12.72 -29.64 -9.89
CA ASN B 211 11.96 -30.56 -10.79
C ASN B 211 10.76 -29.85 -11.42
N CYS B 212 10.33 -28.68 -10.91
CA CYS B 212 8.99 -28.08 -11.13
C CYS B 212 7.91 -29.00 -10.55
N LYS B 213 8.27 -29.75 -9.50
CA LYS B 213 7.35 -30.56 -8.66
C LYS B 213 6.42 -29.65 -7.86
N PHE B 214 6.88 -28.43 -7.55
CA PHE B 214 6.02 -27.29 -7.16
C PHE B 214 6.08 -26.25 -8.29
N ARG B 215 4.97 -25.53 -8.47
CA ARG B 215 4.73 -24.68 -9.67
C ARG B 215 3.75 -23.58 -9.25
N THR B 216 3.84 -22.41 -9.89
CA THR B 216 2.82 -21.34 -9.77
C THR B 216 1.55 -21.83 -10.46
N VAL B 217 0.38 -21.56 -9.87
CA VAL B 217 -0.93 -22.06 -10.35
C VAL B 217 -1.88 -20.87 -10.32
N GLY B 218 -2.68 -20.70 -11.38
CA GLY B 218 -3.66 -19.61 -11.52
C GLY B 218 -3.00 -18.26 -11.76
N GLN B 219 -3.72 -17.19 -11.41
CA GLN B 219 -3.43 -15.78 -11.77
C GLN B 219 -2.42 -15.17 -10.78
N GLU B 220 -1.55 -14.27 -11.24
CA GLU B 220 -0.88 -13.30 -10.34
C GLU B 220 -1.97 -12.33 -9.87
N PHE B 221 -1.96 -11.93 -8.60
CA PHE B 221 -2.92 -10.95 -8.02
C PHE B 221 -2.14 -9.88 -7.26
N THR B 222 -2.85 -8.80 -6.90
CA THR B 222 -2.35 -7.57 -6.20
C THR B 222 -0.96 -7.15 -6.74
N ARG B 223 -0.86 -6.91 -8.04
CA ARG B 223 0.37 -6.40 -8.70
C ARG B 223 0.80 -5.09 -8.04
N THR B 224 2.09 -4.96 -7.74
CA THR B 224 2.72 -3.72 -7.23
C THR B 224 4.20 -3.78 -7.60
N GLY B 225 5.07 -3.22 -6.77
CA GLY B 225 6.52 -3.25 -6.98
C GLY B 225 7.25 -2.98 -5.69
N TRP B 226 8.57 -3.11 -5.73
CA TRP B 226 9.47 -2.75 -4.62
C TRP B 226 9.95 -1.31 -4.85
N GLY B 227 10.05 -0.53 -3.78
CA GLY B 227 10.57 0.84 -3.82
C GLY B 227 11.39 1.13 -2.58
N PHE B 228 12.15 2.23 -2.60
CA PHE B 228 12.91 2.73 -1.43
C PHE B 228 11.99 3.70 -0.68
N ALA B 229 11.92 3.56 0.64
CA ALA B 229 11.02 4.34 1.52
C ALA B 229 11.80 5.48 2.17
N PHE B 230 11.52 6.71 1.76
CA PHE B 230 12.11 7.96 2.32
C PHE B 230 11.09 8.64 3.24
N GLN B 231 11.55 9.52 4.12
CA GLN B 231 10.68 10.32 5.03
C GLN B 231 9.82 11.27 4.17
N ARG B 232 8.64 11.61 4.67
CA ARG B 232 7.64 12.48 4.01
C ARG B 232 8.32 13.79 3.58
N ASP B 233 8.16 14.17 2.31
CA ASP B 233 8.65 15.44 1.70
C ASP B 233 10.17 15.43 1.52
N SER B 234 10.81 14.25 1.53
CA SER B 234 12.25 14.11 1.20
C SER B 234 12.46 14.51 -0.25
N PRO B 235 13.29 15.55 -0.54
CA PRO B 235 13.65 15.87 -1.93
C PRO B 235 14.50 14.75 -2.54
N LEU B 236 15.24 14.02 -1.70
CA LEU B 236 16.08 12.88 -2.12
C LEU B 236 15.22 11.78 -2.75
N ALA B 237 13.99 11.57 -2.25
CA ALA B 237 13.02 10.60 -2.81
C ALA B 237 12.76 10.92 -4.28
N VAL B 238 12.53 12.19 -4.59
CA VAL B 238 12.19 12.67 -5.95
C VAL B 238 13.39 12.41 -6.87
N ASP B 239 14.60 12.81 -6.48
CA ASP B 239 15.83 12.63 -7.30
C ASP B 239 16.13 11.14 -7.48
N MET B 240 15.87 10.30 -6.48
CA MET B 240 16.17 8.85 -6.54
C MET B 240 15.16 8.16 -7.46
N SER B 241 13.93 8.67 -7.56
CA SER B 241 12.91 8.19 -8.54
C SER B 241 13.40 8.46 -9.96
N THR B 242 13.90 9.67 -10.22
CA THR B 242 14.49 10.11 -11.51
C THR B 242 15.67 9.19 -11.85
N ALA B 243 16.56 8.97 -10.89
CA ALA B 243 17.75 8.10 -11.04
C ALA B 243 17.32 6.68 -11.41
N ILE B 244 16.33 6.11 -10.71
CA ILE B 244 15.84 4.73 -11.00
C ILE B 244 15.36 4.65 -12.45
N LEU B 245 14.56 5.62 -12.89
CA LEU B 245 14.05 5.69 -14.28
C LEU B 245 15.22 5.79 -15.26
N GLN B 246 16.23 6.58 -14.90
CA GLN B 246 17.45 6.77 -15.72
C GLN B 246 18.18 5.44 -15.84
N LEU B 247 18.36 4.71 -14.73
CA LEU B 247 18.97 3.35 -14.75
C LEU B 247 18.21 2.47 -15.74
N SER B 248 16.88 2.53 -15.72
CA SER B 248 16.01 1.71 -16.60
C SER B 248 16.24 2.09 -18.07
N GLU B 249 16.17 3.39 -18.38
CA GLU B 249 16.29 3.94 -19.75
C GLU B 249 17.68 3.62 -20.33
N GLU B 250 18.72 3.66 -19.50
CA GLU B 250 20.14 3.44 -19.92
C GLU B 250 20.45 1.94 -20.01
N GLY B 251 19.56 1.06 -19.53
CA GLY B 251 19.72 -0.40 -19.59
C GLY B 251 20.44 -0.97 -18.38
N GLU B 252 20.74 -0.15 -17.38
CA GLU B 252 21.56 -0.51 -16.19
C GLU B 252 20.74 -1.36 -15.21
N LEU B 253 19.44 -1.11 -15.09
CA LEU B 253 18.54 -1.87 -14.18
C LEU B 253 18.52 -3.33 -14.61
N GLU B 254 18.45 -3.60 -15.92
CA GLU B 254 18.43 -4.97 -16.49
C GLU B 254 19.81 -5.63 -16.29
N LYS B 255 20.90 -4.87 -16.46
CA LYS B 255 22.29 -5.38 -16.23
C LYS B 255 22.44 -5.84 -14.77
N ILE B 256 21.96 -5.04 -13.81
CA ILE B 256 22.03 -5.38 -12.36
C ILE B 256 21.17 -6.62 -12.09
N HIS B 257 19.98 -6.69 -12.69
CA HIS B 257 19.08 -7.86 -12.59
C HIS B 257 19.82 -9.12 -13.06
N ARG B 258 20.48 -9.06 -14.24
CA ARG B 258 21.21 -10.21 -14.85
C ARG B 258 22.38 -10.65 -13.98
N LYS B 259 23.02 -9.73 -13.26
CA LYS B 259 24.15 -10.02 -12.33
C LYS B 259 23.69 -10.92 -11.18
N TRP B 260 22.48 -10.71 -10.65
CA TRP B 260 22.00 -11.32 -9.38
C TRP B 260 21.03 -12.48 -9.64
N LEU B 261 20.19 -12.37 -10.67
CA LEU B 261 18.99 -13.23 -10.88
C LEU B 261 19.04 -13.86 -12.29
N ASN B 262 17.96 -14.58 -12.67
CA ASN B 262 17.67 -14.99 -14.07
C ASN B 262 16.33 -14.35 -14.50
N TYR B 263 16.14 -14.20 -15.82
CA TYR B 263 14.86 -13.79 -16.44
C TYR B 263 14.14 -15.01 -17.05
N LYS B 264 14.72 -16.21 -16.92
CA LYS B 264 14.19 -17.47 -17.53
C LYS B 264 13.86 -18.45 -16.39
N HIS B 265 12.60 -18.93 -16.32
CA HIS B 265 12.09 -19.85 -15.28
C HIS B 265 11.09 -20.84 -15.89
N GLU B 266 11.36 -22.15 -15.78
CA GLU B 266 10.53 -23.24 -16.38
C GLU B 266 9.26 -23.48 -15.56
N CYS B 267 9.26 -23.18 -14.27
CA CYS B 267 8.13 -23.48 -13.32
C CYS B 267 7.35 -22.20 -13.00
N SER B 268 7.82 -21.03 -13.46
CA SER B 268 7.23 -19.70 -13.17
C SER B 268 7.00 -18.94 -14.48
N GLY C 17 -16.54 27.65 1.83
CA GLY C 17 -17.09 26.80 0.73
C GLY C 17 -17.60 25.46 1.24
N SER C 18 -18.75 25.45 1.91
CA SER C 18 -19.36 23.93 2.15
C SER C 18 -20.01 23.47 0.94
N ALA C 19 -20.85 24.28 0.29
CA ALA C 19 -21.68 23.90 -0.88
C ALA C 19 -20.84 23.89 -2.16
N MET C 20 -20.02 24.93 -2.37
CA MET C 20 -19.11 25.06 -3.53
C MET C 20 -17.80 24.33 -3.21
N GLY C 21 -17.41 23.36 -4.03
CA GLY C 21 -16.16 22.56 -3.86
C GLY C 21 -15.02 23.16 -4.66
N SER C 22 -14.05 22.32 -5.06
CA SER C 22 -12.92 22.70 -5.94
C SER C 22 -13.45 23.29 -7.26
N LYS C 23 -12.09 24.78 -8.10
CA LYS C 23 -12.47 25.02 -9.52
C LYS C 23 -12.24 23.73 -10.32
N PRO C 24 -13.09 23.39 -11.31
CA PRO C 24 -13.06 22.04 -11.91
C PRO C 24 -11.78 21.73 -12.70
N LEU C 25 -11.28 20.50 -12.53
CA LEU C 25 -10.00 20.02 -13.10
C LEU C 25 -10.12 19.98 -14.63
N ARG C 26 -9.19 20.61 -15.35
CA ARG C 26 -9.03 20.50 -16.82
C ARG C 26 -8.15 19.28 -17.11
N ILE C 27 -8.75 18.17 -17.54
CA ILE C 27 -8.06 16.87 -17.78
C ILE C 27 -7.87 16.70 -19.28
N GLY C 28 -6.61 16.78 -19.72
CA GLY C 28 -6.19 16.45 -21.09
C GLY C 28 -6.17 14.96 -21.31
N VAL C 29 -6.80 14.48 -22.38
CA VAL C 29 -6.92 13.04 -22.74
C VAL C 29 -6.48 12.85 -24.18
N PRO C 30 -5.50 11.98 -24.48
CA PRO C 30 -5.03 11.80 -25.85
C PRO C 30 -6.14 11.22 -26.73
N ASN C 31 -6.35 11.86 -27.88
CA ASN C 31 -7.38 11.48 -28.88
C ASN C 31 -6.78 10.38 -29.76
N ARG C 32 -6.71 9.15 -29.23
CA ARG C 32 -6.03 8.02 -29.91
C ARG C 32 -6.81 7.61 -31.17
N VAL C 33 -6.10 7.29 -32.25
CA VAL C 33 -6.66 6.76 -33.53
C VAL C 33 -6.31 5.27 -33.67
N SER C 34 -5.45 4.73 -32.80
CA SER C 34 -5.09 3.30 -32.76
C SER C 34 -5.14 2.80 -31.31
N TYR C 35 -5.36 1.50 -31.12
CA TYR C 35 -5.40 0.87 -29.77
C TYR C 35 -6.36 1.67 -28.88
N THR C 36 -7.58 1.92 -29.37
CA THR C 36 -8.56 2.88 -28.78
C THR C 36 -9.22 2.30 -27.51
N ASP C 37 -9.04 1.00 -27.24
CA ASP C 37 -9.51 0.34 -25.99
C ASP C 37 -8.74 0.86 -24.78
N TYR C 38 -7.52 1.37 -24.95
CA TYR C 38 -6.71 1.95 -23.83
C TYR C 38 -7.28 3.31 -23.45
N VAL C 39 -7.58 4.17 -24.42
CA VAL C 39 -8.24 5.48 -24.20
C VAL C 39 -8.62 6.08 -25.56
N SER C 40 -9.81 6.65 -25.69
CA SER C 40 -10.33 7.27 -26.93
C SER C 40 -11.53 8.18 -26.64
N LYS C 41 -11.96 8.94 -27.63
CA LYS C 41 -13.18 9.79 -27.54
C LYS C 41 -14.40 8.90 -27.41
N ASP C 42 -15.46 9.42 -26.81
CA ASP C 42 -16.81 8.80 -26.66
C ASP C 42 -17.84 9.82 -27.13
N LYS C 43 -18.84 9.38 -27.90
CA LYS C 43 -19.96 10.21 -28.39
C LYS C 43 -20.83 10.65 -27.20
N ASN C 44 -20.88 9.84 -26.14
CA ASN C 44 -21.69 10.09 -24.91
C ASN C 44 -20.78 10.66 -23.82
N PRO C 45 -21.34 11.34 -22.78
CA PRO C 45 -20.54 11.76 -21.63
C PRO C 45 -19.89 10.56 -20.93
N PRO C 46 -18.70 10.74 -20.31
CA PRO C 46 -18.06 12.04 -20.16
C PRO C 46 -17.20 12.51 -21.35
N GLY C 47 -17.38 11.91 -22.53
CA GLY C 47 -16.72 12.34 -23.78
C GLY C 47 -15.44 11.56 -24.05
N VAL C 48 -15.05 10.68 -23.13
CA VAL C 48 -13.85 9.80 -23.24
C VAL C 48 -14.19 8.44 -22.64
N ARG C 49 -13.54 7.38 -23.13
CA ARG C 49 -13.76 5.97 -22.70
C ARG C 49 -12.43 5.22 -22.74
N GLY C 50 -12.35 4.07 -22.10
CA GLY C 50 -11.22 3.13 -22.23
C GLY C 50 -10.65 2.73 -20.89
N TYR C 51 -9.72 1.76 -20.90
CA TYR C 51 -9.03 1.21 -19.72
C TYR C 51 -8.54 2.36 -18.81
N CYS C 52 -7.75 3.28 -19.36
CA CYS C 52 -7.09 4.38 -18.60
C CYS C 52 -8.15 5.30 -17.97
N ILE C 53 -9.27 5.52 -18.65
CA ILE C 53 -10.39 6.38 -18.13
C ILE C 53 -11.07 5.66 -16.96
N ASP C 54 -11.36 4.36 -17.09
CA ASP C 54 -12.01 3.55 -16.02
C ASP C 54 -11.09 3.51 -14.79
N VAL C 55 -9.79 3.35 -14.98
CA VAL C 55 -8.82 3.35 -13.85
C VAL C 55 -8.88 4.71 -13.15
N PHE C 56 -8.81 5.80 -13.91
CA PHE C 56 -8.83 7.18 -13.35
C PHE C 56 -10.13 7.39 -12.56
N GLU C 57 -11.27 7.02 -13.15
CA GLU C 57 -12.62 7.20 -12.53
C GLU C 57 -12.74 6.33 -11.28
N ALA C 58 -12.28 5.07 -11.33
CA ALA C 58 -12.33 4.13 -10.19
C ALA C 58 -11.46 4.68 -9.05
N ALA C 59 -10.31 5.29 -9.36
CA ALA C 59 -9.40 5.92 -8.38
C ALA C 59 -10.05 7.15 -7.75
N ILE C 60 -10.68 8.00 -8.56
CA ILE C 60 -11.44 9.19 -8.06
C ILE C 60 -12.49 8.72 -7.04
N GLU C 61 -13.25 7.68 -7.38
CA GLU C 61 -14.39 7.14 -6.58
C GLU C 61 -13.88 6.74 -5.18
N LEU C 62 -12.63 6.28 -5.05
CA LEU C 62 -12.04 5.84 -3.76
C LEU C 62 -11.66 7.04 -2.88
N LEU C 63 -11.53 8.25 -3.45
CA LEU C 63 -11.14 9.45 -2.66
C LEU C 63 -12.30 9.84 -1.75
N PRO C 64 -12.03 10.31 -0.51
CA PRO C 64 -13.10 10.71 0.43
C PRO C 64 -13.65 12.13 0.17
N TYR C 65 -13.47 12.67 -1.04
CA TYR C 65 -14.00 13.99 -1.45
C TYR C 65 -14.34 13.96 -2.93
N PRO C 66 -15.27 14.81 -3.41
CA PRO C 66 -15.56 14.91 -4.82
C PRO C 66 -14.43 15.68 -5.53
N VAL C 67 -14.23 15.40 -6.81
CA VAL C 67 -13.20 16.05 -7.67
C VAL C 67 -13.88 16.54 -8.94
N PRO C 68 -14.52 17.73 -8.91
CA PRO C 68 -15.13 18.30 -10.10
C PRO C 68 -14.11 18.32 -11.24
N ARG C 69 -14.51 17.87 -12.42
CA ARG C 69 -13.57 17.55 -13.53
C ARG C 69 -14.28 17.67 -14.88
N THR C 70 -13.55 18.15 -15.86
CA THR C 70 -13.92 18.20 -17.29
C THR C 70 -12.83 17.43 -18.06
N TYR C 71 -13.20 16.57 -18.99
CA TYR C 71 -12.27 15.89 -19.91
C TYR C 71 -12.19 16.69 -21.20
N ILE C 72 -10.96 16.97 -21.67
CA ILE C 72 -10.69 17.71 -22.93
C ILE C 72 -9.81 16.82 -23.81
N LEU C 73 -10.27 16.50 -25.01
CA LEU C 73 -9.53 15.69 -26.00
C LEU C 73 -8.34 16.51 -26.54
N TYR C 74 -7.17 15.88 -26.61
CA TYR C 74 -5.92 16.46 -27.14
C TYR C 74 -5.47 15.64 -28.35
N GLY C 75 -5.44 16.27 -29.54
CA GLY C 75 -5.08 15.63 -30.82
C GLY C 75 -6.09 15.93 -31.90
N ASP C 76 -5.65 15.93 -33.17
CA ASP C 76 -6.47 16.31 -34.36
C ASP C 76 -7.45 15.21 -34.76
N GLY C 77 -7.32 14.00 -34.18
CA GLY C 77 -8.19 12.84 -34.49
C GLY C 77 -7.76 12.11 -35.75
N LYS C 78 -6.65 12.53 -36.38
CA LYS C 78 -6.09 11.93 -37.63
C LYS C 78 -4.87 11.08 -37.29
N ARG C 79 -3.98 11.61 -36.45
CA ARG C 79 -2.78 10.92 -35.93
C ARG C 79 -2.79 10.98 -34.39
N ASN C 80 -2.20 9.99 -33.73
CA ASN C 80 -1.97 10.02 -32.26
C ASN C 80 -1.18 11.31 -31.97
N PRO C 81 -1.54 12.06 -30.91
CA PRO C 81 -0.85 13.32 -30.60
C PRO C 81 0.52 13.06 -29.99
N SER C 82 1.36 14.09 -29.96
CA SER C 82 2.64 14.12 -29.20
C SER C 82 2.31 14.04 -27.71
N TYR C 83 2.68 12.94 -27.05
CA TYR C 83 2.51 12.72 -25.59
C TYR C 83 3.48 13.63 -24.83
N ASP C 84 4.66 13.91 -25.38
CA ASP C 84 5.57 14.96 -24.84
C ASP C 84 4.82 16.29 -24.75
N ASN C 85 4.10 16.68 -25.79
CA ASN C 85 3.36 17.98 -25.82
C ASN C 85 2.18 17.92 -24.87
N LEU C 86 1.43 16.81 -24.82
CA LEU C 86 0.31 16.63 -23.86
C LEU C 86 0.81 16.93 -22.45
N VAL C 87 1.95 16.35 -22.05
CA VAL C 87 2.55 16.56 -20.69
C VAL C 87 2.94 18.04 -20.54
N ASN C 88 3.49 18.67 -21.58
CA ASN C 88 3.94 20.09 -21.54
C ASN C 88 2.73 21.01 -21.39
N GLU C 89 1.53 20.58 -21.85
CA GLU C 89 0.27 21.35 -21.67
C GLU C 89 -0.05 21.42 -20.17
N VAL C 90 0.25 20.36 -19.43
CA VAL C 90 0.10 20.31 -17.94
C VAL C 90 1.12 21.30 -17.34
N VAL C 91 2.36 21.25 -17.81
CA VAL C 91 3.48 22.13 -17.32
C VAL C 91 3.09 23.59 -17.56
N ALA C 92 2.51 23.90 -18.73
CA ALA C 92 2.17 25.27 -19.17
C ALA C 92 0.85 25.75 -18.53
N ASP C 93 0.17 24.89 -17.77
CA ASP C 93 -1.07 25.22 -17.01
C ASP C 93 -2.24 25.39 -17.99
N ASN C 94 -2.23 24.72 -19.14
CA ASN C 94 -3.39 24.64 -20.07
C ASN C 94 -4.26 23.44 -19.69
N PHE C 95 -3.67 22.42 -19.05
CA PHE C 95 -4.38 21.33 -18.35
C PHE C 95 -3.88 21.26 -16.90
N ASP C 96 -4.74 20.77 -16.00
CA ASP C 96 -4.38 20.48 -14.58
C ASP C 96 -3.81 19.07 -14.48
N VAL C 97 -4.25 18.17 -15.37
CA VAL C 97 -3.88 16.73 -15.38
C VAL C 97 -3.88 16.25 -16.83
N ALA C 98 -2.97 15.32 -17.17
CA ALA C 98 -3.05 14.49 -18.39
C ALA C 98 -3.42 13.08 -17.95
N VAL C 99 -4.50 12.53 -18.50
CA VAL C 99 -5.02 11.17 -18.15
C VAL C 99 -5.04 10.31 -19.43
N GLY C 100 -4.41 9.14 -19.39
CA GLY C 100 -4.36 8.21 -20.53
C GLY C 100 -3.15 7.32 -20.44
N ASP C 101 -2.75 6.73 -21.57
CA ASP C 101 -1.61 5.79 -21.70
C ASP C 101 -0.30 6.59 -21.73
N ILE C 102 0.00 7.32 -20.66
CA ILE C 102 1.14 8.29 -20.60
C ILE C 102 2.35 7.62 -19.93
N THR C 103 3.34 7.27 -20.74
CA THR C 103 4.57 6.58 -20.30
C THR C 103 5.37 7.54 -19.39
N ILE C 104 5.82 7.01 -18.26
CA ILE C 104 6.69 7.72 -17.29
C ILE C 104 8.13 7.66 -17.82
N VAL C 105 8.65 8.79 -18.30
CA VAL C 105 10.02 8.94 -18.89
C VAL C 105 10.71 10.10 -18.15
N THR C 106 12.04 10.04 -18.00
CA THR C 106 12.85 11.04 -17.25
C THR C 106 12.51 12.46 -17.68
N ASN C 107 12.44 12.75 -18.99
CA ASN C 107 12.21 14.11 -19.52
C ASN C 107 10.84 14.63 -19.06
N ARG C 108 9.87 13.75 -18.83
CA ARG C 108 8.48 14.13 -18.45
C ARG C 108 8.38 14.34 -16.94
N THR C 109 9.15 13.60 -16.12
CA THR C 109 9.11 13.71 -14.64
C THR C 109 9.78 15.01 -14.18
N ARG C 110 10.55 15.67 -15.05
CA ARG C 110 11.29 16.92 -14.73
C ARG C 110 10.33 18.00 -14.25
N TYR C 111 9.12 18.10 -14.82
CA TYR C 111 8.23 19.28 -14.62
C TYR C 111 6.86 18.90 -14.05
N VAL C 112 6.47 17.62 -14.07
CA VAL C 112 5.13 17.17 -13.58
C VAL C 112 5.31 16.14 -12.47
N ASP C 113 4.23 15.88 -11.72
CA ASP C 113 4.15 14.83 -10.67
C ASP C 113 3.27 13.70 -11.21
N PHE C 114 3.90 12.63 -11.68
CA PHE C 114 3.21 11.38 -12.08
C PHE C 114 2.74 10.65 -10.82
N THR C 115 1.61 9.97 -10.91
CA THR C 115 1.16 8.96 -9.93
C THR C 115 2.14 7.78 -10.01
N GLN C 116 2.10 6.89 -9.02
CA GLN C 116 2.67 5.53 -9.16
C GLN C 116 2.01 4.91 -10.40
N PRO C 117 2.69 4.01 -11.15
CA PRO C 117 2.12 3.46 -12.36
C PRO C 117 0.86 2.61 -12.08
N PHE C 118 -0.11 2.64 -12.99
CA PHE C 118 -1.35 1.82 -12.89
C PHE C 118 -1.25 0.59 -13.80
N ILE C 119 -0.23 0.53 -14.65
CA ILE C 119 0.12 -0.65 -15.51
C ILE C 119 1.60 -0.58 -15.85
N GLU C 120 2.26 -1.73 -15.91
CA GLU C 120 3.70 -1.85 -16.28
C GLU C 120 3.82 -1.75 -17.81
N SER C 121 4.91 -1.16 -18.27
CA SER C 121 5.20 -0.95 -19.71
C SER C 121 6.70 -1.06 -19.97
N GLY C 122 7.06 -1.09 -21.24
CA GLY C 122 8.44 -1.17 -21.71
C GLY C 122 8.44 -1.43 -23.20
N LEU C 123 9.56 -1.21 -23.87
CA LEU C 123 9.67 -1.32 -25.35
C LEU C 123 10.01 -2.78 -25.71
N VAL C 124 9.42 -3.27 -26.80
CA VAL C 124 9.74 -4.60 -27.40
C VAL C 124 9.98 -4.39 -28.89
N VAL C 125 10.70 -5.33 -29.52
CA VAL C 125 10.91 -5.38 -30.98
C VAL C 125 9.94 -6.42 -31.54
N VAL C 126 9.13 -6.03 -32.53
CA VAL C 126 8.18 -6.92 -33.25
C VAL C 126 8.70 -7.10 -34.67
N ALA C 127 8.75 -8.33 -35.15
CA ALA C 127 9.20 -8.70 -36.51
C ALA C 127 8.38 -9.89 -37.03
N PRO C 128 8.36 -10.15 -38.35
CA PRO C 128 7.74 -11.35 -38.89
C PRO C 128 8.44 -12.61 -38.33
N VAL C 129 7.68 -13.67 -38.12
CA VAL C 129 8.16 -14.98 -37.59
C VAL C 129 9.16 -15.58 -38.59
N LYS C 130 8.78 -15.66 -39.88
CA LYS C 130 9.51 -16.48 -40.88
C LYS C 130 10.67 -15.68 -41.46
N GLU C 131 10.38 -14.49 -42.00
CA GLU C 131 11.33 -13.69 -42.83
C GLU C 131 12.02 -12.65 -41.94
N ALA C 132 12.36 -13.02 -40.69
CA ALA C 132 12.87 -12.10 -39.65
C ALA C 132 14.25 -11.54 -40.04
N GLY C 133 14.96 -12.20 -40.97
CA GLY C 133 16.31 -11.79 -41.42
C GLY C 133 17.34 -11.94 -40.31
N THR C 134 18.06 -10.85 -40.00
CA THR C 134 19.09 -10.78 -38.95
C THR C 134 18.53 -10.23 -37.63
N ILE C 135 17.21 -10.08 -37.48
CA ILE C 135 16.56 -9.26 -36.41
C ILE C 135 16.10 -10.21 -35.29
N GLU C 136 16.88 -10.34 -34.23
CA GLU C 136 16.59 -11.24 -33.08
C GLU C 136 16.44 -10.42 -31.80
N GLY C 137 16.42 -9.09 -31.89
CA GLY C 137 16.26 -8.19 -30.73
C GLY C 137 16.75 -6.79 -31.02
N ILE C 138 16.74 -5.93 -30.02
CA ILE C 138 17.05 -4.48 -30.15
C ILE C 138 18.50 -4.30 -30.64
N ASP C 139 19.46 -5.09 -30.13
CA ASP C 139 20.90 -4.92 -30.44
C ASP C 139 21.14 -5.18 -31.94
N SER C 140 20.63 -6.29 -32.46
CA SER C 140 20.75 -6.67 -33.89
C SER C 140 20.00 -5.65 -34.77
N LEU C 141 18.87 -5.13 -34.29
CA LEU C 141 18.06 -4.10 -34.99
C LEU C 141 18.88 -2.81 -35.15
N VAL C 142 19.53 -2.35 -34.07
CA VAL C 142 20.42 -1.15 -34.08
C VAL C 142 21.44 -1.28 -35.22
N THR C 143 22.20 -2.38 -35.24
CA THR C 143 23.37 -2.58 -36.13
C THR C 143 22.92 -2.79 -37.59
N SER C 144 21.69 -3.26 -37.83
CA SER C 144 21.17 -3.65 -39.17
C SER C 144 21.08 -2.44 -40.12
N ASN C 145 20.87 -1.23 -39.59
CA ASN C 145 20.75 0.04 -40.36
C ASN C 145 19.48 0.05 -41.22
N GLU C 146 18.49 -0.79 -40.91
CA GLU C 146 17.21 -0.87 -41.67
C GLU C 146 16.16 -0.02 -40.98
N PRO C 147 15.09 0.39 -41.70
CA PRO C 147 14.02 1.21 -41.11
C PRO C 147 13.33 0.53 -39.92
N ILE C 148 12.92 1.35 -38.93
CA ILE C 148 12.23 0.94 -37.68
C ILE C 148 10.90 1.67 -37.62
N GLY C 149 9.79 0.94 -37.45
CA GLY C 149 8.44 1.51 -37.29
C GLY C 149 8.16 1.89 -35.85
N VAL C 150 7.49 3.03 -35.65
CA VAL C 150 6.99 3.51 -34.32
C VAL C 150 5.62 4.15 -34.53
N GLN C 151 4.85 4.29 -33.45
CA GLN C 151 3.59 5.08 -33.47
C GLN C 151 3.92 6.55 -33.67
N ASP C 152 2.96 7.34 -34.17
CA ASP C 152 2.99 8.83 -34.04
C ASP C 152 2.96 9.19 -32.55
N GLY C 153 3.79 10.17 -32.15
CA GLY C 153 3.67 10.90 -30.88
C GLY C 153 4.30 10.20 -29.69
N THR C 154 5.04 9.10 -29.91
CA THR C 154 5.59 8.25 -28.83
C THR C 154 6.94 8.80 -28.37
N PHE C 155 7.26 8.60 -27.09
CA PHE C 155 8.59 8.83 -26.48
C PHE C 155 9.65 7.95 -27.16
N ALA C 156 9.23 6.84 -27.77
CA ALA C 156 10.11 5.78 -28.31
C ALA C 156 11.03 6.36 -29.40
N ARG C 157 10.54 7.32 -30.19
CA ARG C 157 11.34 7.98 -31.25
C ARG C 157 12.61 8.58 -30.62
N ASN C 158 12.47 9.45 -29.63
CA ASN C 158 13.61 10.15 -28.97
C ASN C 158 14.42 9.18 -28.10
N TYR C 159 13.81 8.10 -27.60
CA TYR C 159 14.56 7.05 -26.88
C TYR C 159 15.53 6.36 -27.85
N LEU C 160 15.04 5.95 -29.02
CA LEU C 160 15.87 5.25 -30.05
C LEU C 160 17.01 6.17 -30.49
N ILE C 161 16.71 7.45 -30.74
CA ILE C 161 17.70 8.45 -31.25
C ILE C 161 18.73 8.75 -30.15
N ASN C 162 18.29 9.18 -28.98
CA ASN C 162 19.19 9.74 -27.92
C ASN C 162 19.87 8.62 -27.12
N GLU C 163 19.18 7.51 -26.84
CA GLU C 163 19.71 6.43 -25.95
C GLU C 163 20.49 5.41 -26.79
N LEU C 164 19.95 4.98 -27.95
CA LEU C 164 20.53 3.87 -28.75
C LEU C 164 21.27 4.43 -29.99
N ASN C 165 21.27 5.75 -30.17
CA ASN C 165 22.09 6.47 -31.19
C ASN C 165 21.70 6.00 -32.59
N ILE C 166 20.39 5.81 -32.82
CA ILE C 166 19.81 5.41 -34.14
C ILE C 166 19.66 6.67 -34.99
N LEU C 167 20.14 6.60 -36.23
CA LEU C 167 20.00 7.65 -37.26
C LEU C 167 18.52 8.00 -37.38
N PRO C 168 18.12 9.27 -37.12
CA PRO C 168 16.71 9.66 -37.17
C PRO C 168 15.93 9.25 -38.43
N SER C 169 16.59 9.26 -39.60
CA SER C 169 15.97 8.93 -40.90
C SER C 169 15.46 7.48 -40.90
N ARG C 170 16.02 6.61 -40.05
CA ARG C 170 15.61 5.19 -39.94
C ARG C 170 14.23 5.07 -39.27
N ILE C 171 13.82 6.04 -38.46
CA ILE C 171 12.57 5.96 -37.65
C ILE C 171 11.39 6.38 -38.54
N VAL C 172 10.48 5.44 -38.81
CA VAL C 172 9.30 5.63 -39.71
C VAL C 172 8.03 5.66 -38.86
N PRO C 173 7.37 6.82 -38.72
CA PRO C 173 6.10 6.89 -37.99
C PRO C 173 4.97 6.22 -38.80
N LEU C 174 4.14 5.44 -38.12
CA LEU C 174 3.00 4.68 -38.71
C LEU C 174 1.69 5.13 -38.02
N LYS C 175 0.63 5.33 -38.81
CA LYS C 175 -0.60 6.06 -38.39
C LYS C 175 -1.52 5.19 -37.52
N ASP C 176 -1.71 3.90 -37.89
CA ASP C 176 -2.79 3.04 -37.33
C ASP C 176 -2.46 1.56 -37.58
N GLU C 177 -3.37 0.67 -37.19
CA GLU C 177 -3.18 -0.81 -37.26
C GLU C 177 -2.87 -1.22 -38.70
N GLU C 178 -3.58 -0.63 -39.68
CA GLU C 178 -3.35 -0.90 -41.13
C GLU C 178 -1.88 -0.66 -41.47
N GLN C 179 -1.31 0.47 -41.03
CA GLN C 179 0.09 0.85 -41.36
C GLN C 179 1.08 0.02 -40.54
N TYR C 180 0.74 -0.38 -39.31
CA TYR C 180 1.62 -1.28 -38.49
C TYR C 180 1.78 -2.60 -39.26
N LEU C 181 0.67 -3.22 -39.65
CA LEU C 181 0.62 -4.54 -40.36
C LEU C 181 1.30 -4.40 -41.74
N SER C 182 0.88 -3.39 -42.51
CA SER C 182 1.37 -3.10 -43.88
C SER C 182 2.89 -2.97 -43.88
N ALA C 183 3.45 -2.15 -42.98
CA ALA C 183 4.89 -1.86 -42.91
C ALA C 183 5.67 -3.14 -42.57
N LEU C 184 5.18 -3.94 -41.63
CA LEU C 184 5.82 -5.23 -41.23
C LEU C 184 5.77 -6.22 -42.39
N GLN C 185 4.63 -6.27 -43.10
CA GLN C 185 4.39 -7.21 -44.24
C GLN C 185 5.30 -6.84 -45.42
N ARG C 186 5.35 -5.56 -45.79
CA ARG C 186 6.15 -5.05 -46.94
C ARG C 186 7.64 -5.24 -46.64
N GLY C 187 8.07 -5.03 -45.39
CA GLY C 187 9.46 -5.23 -44.96
C GLY C 187 10.36 -4.08 -45.43
N PRO C 188 11.66 -4.12 -45.06
CA PRO C 188 12.55 -2.96 -45.22
C PRO C 188 12.93 -2.59 -46.67
N ASN C 189 12.72 -3.49 -47.64
CA ASN C 189 13.19 -3.32 -49.04
C ASN C 189 12.01 -3.07 -49.99
N ALA C 190 10.81 -2.83 -49.45
CA ALA C 190 9.59 -2.53 -50.23
C ALA C 190 8.76 -1.44 -49.52
N GLY C 191 9.41 -0.39 -49.03
CA GLY C 191 8.77 0.77 -48.40
C GLY C 191 8.09 0.44 -47.09
N GLY C 192 8.57 -0.59 -46.39
CA GLY C 192 8.10 -0.99 -45.04
C GLY C 192 9.22 -0.87 -44.03
N VAL C 193 9.19 -1.68 -42.97
CA VAL C 193 10.18 -1.62 -41.86
C VAL C 193 10.67 -3.04 -41.55
N ALA C 194 11.89 -3.16 -41.03
CA ALA C 194 12.50 -4.44 -40.57
C ALA C 194 11.80 -4.88 -39.28
N ALA C 195 11.31 -3.93 -38.48
CA ALA C 195 10.66 -4.19 -37.18
C ALA C 195 9.89 -2.96 -36.72
N ILE C 196 8.96 -3.17 -35.79
CA ILE C 196 8.29 -2.08 -35.01
C ILE C 196 8.85 -2.13 -33.59
N VAL C 197 9.24 -0.96 -33.06
CA VAL C 197 9.55 -0.75 -31.63
C VAL C 197 8.36 -0.01 -31.02
N ASP C 198 7.69 -0.65 -30.06
CA ASP C 198 6.51 -0.08 -29.37
C ASP C 198 6.42 -0.70 -27.98
N GLU C 199 5.57 -0.14 -27.13
CA GLU C 199 5.35 -0.61 -25.75
C GLU C 199 4.53 -1.91 -25.78
N LEU C 200 4.81 -2.82 -24.84
CA LEU C 200 4.20 -4.17 -24.77
C LEU C 200 2.67 -4.10 -24.74
N PRO C 201 2.02 -3.20 -23.97
CA PRO C 201 0.55 -3.16 -23.94
C PRO C 201 -0.10 -3.01 -25.33
N TYR C 202 0.49 -2.20 -26.21
CA TYR C 202 0.00 -2.00 -27.61
C TYR C 202 0.29 -3.27 -28.43
N ILE C 203 1.50 -3.82 -28.27
CA ILE C 203 1.96 -5.01 -29.03
C ILE C 203 1.13 -6.23 -28.63
N GLU C 204 0.78 -6.38 -27.35
CA GLU C 204 -0.12 -7.46 -26.86
C GLU C 204 -1.41 -7.44 -27.68
N VAL C 205 -1.94 -6.26 -27.98
CA VAL C 205 -3.18 -6.08 -28.81
C VAL C 205 -2.87 -6.43 -30.27
N LEU C 206 -1.72 -5.99 -30.78
CA LEU C 206 -1.36 -6.17 -32.21
C LEU C 206 -1.25 -7.67 -32.54
N LEU C 207 -0.59 -8.44 -31.68
CA LEU C 207 -0.29 -9.88 -31.91
C LEU C 207 -1.56 -10.74 -31.74
N THR C 208 -2.59 -10.26 -31.05
CA THR C 208 -3.87 -11.01 -30.93
C THR C 208 -4.64 -10.90 -32.25
N ASN C 209 -4.40 -9.83 -33.02
CA ASN C 209 -5.25 -9.41 -34.17
C ASN C 209 -4.44 -9.40 -35.49
N SER C 210 -3.34 -10.15 -35.57
CA SER C 210 -2.41 -10.15 -36.74
C SER C 210 -2.18 -11.56 -37.32
N ASN C 211 -2.96 -12.56 -36.89
CA ASN C 211 -3.04 -13.91 -37.52
C ASN C 211 -1.69 -14.64 -37.36
N CYS C 212 -0.99 -14.39 -36.25
CA CYS C 212 0.21 -15.15 -35.80
C CYS C 212 1.40 -14.88 -36.72
N LYS C 213 1.36 -13.83 -37.55
CA LYS C 213 2.41 -13.56 -38.57
C LYS C 213 3.62 -12.95 -37.89
N PHE C 214 3.42 -12.25 -36.77
CA PHE C 214 4.44 -11.41 -36.09
C PHE C 214 4.67 -11.93 -34.68
N ARG C 215 5.82 -11.61 -34.09
CA ARG C 215 6.18 -11.95 -32.68
C ARG C 215 7.16 -10.92 -32.14
N THR C 216 7.27 -10.82 -30.82
CA THR C 216 8.40 -10.14 -30.13
C THR C 216 9.68 -10.94 -30.39
N VAL C 217 10.82 -10.27 -30.55
CA VAL C 217 12.16 -10.91 -30.58
C VAL C 217 13.05 -10.21 -29.54
N GLY C 218 13.78 -11.00 -28.75
CA GLY C 218 14.70 -10.50 -27.71
C GLY C 218 13.96 -10.02 -26.47
N GLN C 219 14.67 -9.31 -25.60
CA GLN C 219 14.19 -8.89 -24.26
C GLN C 219 13.45 -7.55 -24.38
N GLU C 220 12.46 -7.35 -23.51
CA GLU C 220 11.86 -6.04 -23.19
C GLU C 220 12.97 -5.13 -22.65
N PHE C 221 12.98 -3.85 -23.05
CA PHE C 221 13.97 -2.85 -22.56
C PHE C 221 13.21 -1.60 -22.10
N THR C 222 13.94 -0.69 -21.44
CA THR C 222 13.47 0.56 -20.78
C THR C 222 12.12 0.34 -20.07
N ARG C 223 12.07 -0.64 -19.16
CA ARG C 223 10.86 -0.94 -18.35
C ARG C 223 10.45 0.31 -17.56
N THR C 224 9.16 0.60 -17.55
CA THR C 224 8.56 1.76 -16.86
C THR C 224 7.07 1.44 -16.65
N GLY C 225 6.21 2.46 -16.62
CA GLY C 225 4.76 2.27 -16.57
C GLY C 225 4.03 3.45 -17.15
N TRP C 226 2.70 3.35 -17.19
CA TRP C 226 1.81 4.50 -17.47
C TRP C 226 1.38 5.08 -16.13
N GLY C 227 1.30 6.41 -16.06
CA GLY C 227 0.81 7.13 -14.88
C GLY C 227 -0.01 8.32 -15.31
N PHE C 228 -0.74 8.93 -14.38
CA PHE C 228 -1.47 10.20 -14.59
C PHE C 228 -0.51 11.34 -14.22
N ALA C 229 -0.44 12.37 -15.08
CA ALA C 229 0.51 13.50 -14.95
C ALA C 229 -0.23 14.69 -14.35
N PHE C 230 0.07 15.02 -13.10
CA PHE C 230 -0.45 16.19 -12.35
C PHE C 230 0.62 17.28 -12.35
N GLN C 231 0.22 18.53 -12.10
CA GLN C 231 1.16 19.67 -11.92
C GLN C 231 2.00 19.44 -10.66
N ARG C 232 3.23 19.97 -10.67
CA ARG C 232 4.24 19.86 -9.59
C ARG C 232 3.59 20.22 -8.25
N ASP C 233 3.75 19.35 -7.24
CA ASP C 233 3.31 19.52 -5.82
C ASP C 233 1.79 19.41 -5.71
N SER C 234 1.10 18.79 -6.67
CA SER C 234 -0.34 18.46 -6.55
C SER C 234 -0.54 17.47 -5.41
N PRO C 235 -1.32 17.82 -4.36
CA PRO C 235 -1.67 16.84 -3.32
C PRO C 235 -2.58 15.74 -3.89
N LEU C 236 -3.35 16.07 -4.94
CA LEU C 236 -4.26 15.12 -5.62
C LEU C 236 -3.45 13.97 -6.22
N ALA C 237 -2.24 14.25 -6.74
CA ALA C 237 -1.33 13.21 -7.29
C ALA C 237 -1.04 12.15 -6.21
N VAL C 238 -0.74 12.58 -4.99
CA VAL C 238 -0.38 11.69 -3.85
C VAL C 238 -1.59 10.80 -3.51
N ASP C 239 -2.79 11.37 -3.33
CA ASP C 239 -4.02 10.59 -2.99
C ASP C 239 -4.39 9.64 -4.13
N MET C 240 -4.18 10.04 -5.39
CA MET C 240 -4.53 9.20 -6.56
C MET C 240 -3.55 8.02 -6.67
N SER C 241 -2.30 8.20 -6.22
CA SER C 241 -1.30 7.10 -6.12
C SER C 241 -1.78 6.05 -5.12
N THR C 242 -2.23 6.49 -3.95
CA THR C 242 -2.79 5.63 -2.87
C THR C 242 -4.00 4.88 -3.43
N ALA C 243 -4.92 5.60 -4.10
CA ALA C 243 -6.13 5.03 -4.72
C ALA C 243 -5.74 3.95 -5.74
N ILE C 244 -4.77 4.21 -6.61
CA ILE C 244 -4.32 3.23 -7.64
C ILE C 244 -3.83 1.94 -6.94
N LEU C 245 -3.01 2.06 -5.89
CA LEU C 245 -2.52 0.90 -5.10
C LEU C 245 -3.71 0.16 -4.49
N GLN C 246 -4.71 0.90 -4.00
CA GLN C 246 -5.93 0.36 -3.38
C GLN C 246 -6.69 -0.45 -4.44
N LEU C 247 -6.87 0.11 -5.64
CA LEU C 247 -7.52 -0.59 -6.78
C LEU C 247 -6.80 -1.91 -7.03
N SER C 248 -5.46 -1.91 -7.00
CA SER C 248 -4.63 -3.11 -7.26
C SER C 248 -4.90 -4.16 -6.16
N GLU C 249 -4.80 -3.74 -4.88
CA GLU C 249 -4.94 -4.61 -3.69
C GLU C 249 -6.34 -5.24 -3.65
N GLU C 250 -7.38 -4.48 -4.03
CA GLU C 250 -8.80 -4.93 -3.99
C GLU C 250 -9.13 -5.77 -5.22
N GLY C 251 -8.24 -5.87 -6.21
CA GLY C 251 -8.43 -6.71 -7.40
C GLY C 251 -9.08 -5.97 -8.56
N GLU C 252 -9.34 -4.68 -8.40
CA GLU C 252 -10.14 -3.85 -9.34
C GLU C 252 -9.31 -3.49 -10.59
N LEU C 253 -8.00 -3.27 -10.45
CA LEU C 253 -7.11 -2.95 -11.60
C LEU C 253 -7.17 -4.08 -12.64
N GLU C 254 -7.10 -5.33 -12.18
CA GLU C 254 -7.13 -6.52 -13.05
C GLU C 254 -8.53 -6.70 -13.65
N LYS C 255 -9.59 -6.44 -12.87
CA LYS C 255 -11.00 -6.49 -13.37
C LYS C 255 -11.18 -5.52 -14.53
N ILE C 256 -10.68 -4.28 -14.38
CA ILE C 256 -10.81 -3.21 -15.43
C ILE C 256 -9.99 -3.65 -16.65
N HIS C 257 -8.80 -4.21 -16.44
CA HIS C 257 -7.93 -4.74 -17.53
C HIS C 257 -8.71 -5.79 -18.33
N ARG C 258 -9.33 -6.75 -17.64
CA ARG C 258 -10.06 -7.89 -18.26
C ARG C 258 -11.29 -7.38 -19.03
N LYS C 259 -11.91 -6.29 -18.59
CA LYS C 259 -13.08 -5.67 -19.26
C LYS C 259 -12.69 -5.16 -20.67
N TRP C 260 -11.50 -4.59 -20.81
CA TRP C 260 -11.09 -3.81 -22.02
C TRP C 260 -10.15 -4.63 -22.92
N LEU C 261 -9.30 -5.47 -22.33
CA LEU C 261 -8.29 -6.29 -23.05
C LEU C 261 -8.64 -7.78 -22.82
N ASN C 262 -9.51 -8.30 -23.68
CA ASN C 262 -10.12 -9.66 -23.60
C ASN C 262 -9.65 -10.46 -24.82
N TYR C 263 -8.33 -10.45 -25.07
CA TYR C 263 -7.70 -10.91 -26.33
C TYR C 263 -6.95 -12.22 -26.08
N LYS C 264 -7.46 -13.33 -26.64
CA LYS C 264 -6.88 -14.69 -26.51
C LYS C 264 -5.73 -14.82 -27.53
N HIS C 265 -4.59 -15.35 -27.09
CA HIS C 265 -3.32 -15.42 -27.86
C HIS C 265 -3.51 -16.25 -29.14
N GLU C 266 -3.88 -17.54 -28.98
CA GLU C 266 -4.22 -18.47 -30.09
C GLU C 266 -2.97 -18.98 -30.81
N CYS C 267 -1.84 -18.27 -30.74
CA CYS C 267 -0.57 -18.58 -31.44
C CYS C 267 0.42 -19.28 -30.48
N SER C 268 0.49 -20.62 -30.55
CA SER C 268 1.35 -21.50 -29.71
C SER C 268 1.01 -21.32 -28.22
N GLU D . -9.43 2.85 23.61
CA GLU D . -9.52 2.31 22.23
C GLU D . -8.10 2.16 21.66
O GLU D . -7.89 1.44 20.69
CB GLU D . -10.32 3.25 21.33
CG GLU D . -11.82 3.04 21.40
CD GLU D . -12.54 3.41 20.12
OE1 GLU D . -12.34 2.69 19.11
OE2 GLU D . -13.29 4.41 20.11
OXT GLU D . -7.16 2.77 22.17
N GLU E . 8.63 -7.95 0.30
CA GLU E . 7.88 -8.25 1.56
C GLU E . 7.16 -6.99 2.05
O GLU E . 6.24 -7.05 2.86
CB GLU E . 8.83 -8.77 2.64
CG GLU E . 9.23 -10.21 2.45
CD GLU E . 9.41 -10.95 3.76
OE1 GLU E . 10.55 -11.36 4.06
OE2 GLU E . 8.42 -11.08 4.48
OXT GLU E . 7.53 -5.88 1.64
CL CL F . -1.72 -29.24 -2.28
S SO4 G . 28.87 9.46 -3.10
O1 SO4 G . 27.91 10.01 -4.01
O2 SO4 G . 28.98 8.04 -3.31
O3 SO4 G . 28.45 9.72 -1.74
O4 SO4 G . 30.15 10.08 -3.32
C1 GOL H . 10.38 0.88 -13.99
O1 GOL H . 11.55 1.66 -14.19
C2 GOL H . 10.65 -0.32 -13.11
O2 GOL H . 9.41 -0.97 -12.83
C3 GOL H . 11.61 -1.31 -13.73
O3 GOL H . 11.07 -2.62 -13.79
N GLU I . 2.51 5.89 -24.44
CA GLU I . 3.23 6.73 -25.44
C GLU I . 3.89 7.93 -24.75
O GLU I . 4.81 8.54 -25.31
CB GLU I . 2.27 7.24 -26.51
CG GLU I . 1.89 6.22 -27.56
CD GLU I . 1.61 6.88 -28.90
OE1 GLU I . 0.48 6.71 -29.42
OE2 GLU I . 2.50 7.59 -29.40
OXT GLU I . 3.50 8.28 -23.63
CL CL J . 20.23 -9.17 -30.57
S SO4 K . -17.18 12.50 -7.73
O1 SO4 K . -16.41 11.78 -6.76
O2 SO4 K . -17.36 11.69 -8.91
O3 SO4 K . -18.46 12.83 -7.17
O4 SO4 K . -16.49 13.72 -8.08
S SO4 L . -20.58 28.13 0.10
O1 SO4 L . -20.93 27.08 1.04
O2 SO4 L . -19.94 27.55 -1.05
O3 SO4 L . -19.69 29.06 0.73
O4 SO4 L . -21.78 28.81 -0.29
#